data_9QEX
#
_entry.id   9QEX
#
_cell.length_a   111.328
_cell.length_b   111.328
_cell.length_c   242.725
_cell.angle_alpha   90
_cell.angle_beta   90
_cell.angle_gamma   90
#
_symmetry.space_group_name_H-M   'P 43 21 2'
#
loop_
_entity.id
_entity.type
_entity.pdbx_description
1 polymer 'Myeloperoxidase heavy chain'
2 polymer 'Myeloperoxidase inhibitor SPIN'
3 polymer 'Myeloperoxidase light chain'
4 branched 2-acetamido-2-deoxy-beta-D-glucopyranose-(1-4)-2-acetamido-2-deoxy-beta-D-glucopyranose
5 branched alpha-D-mannopyranose-(1-3)-[alpha-D-mannopyranose-(1-6)]beta-D-mannopyranose-(1-4)-2-acetamido-2-deoxy-beta-D-glucopyranose-(1-4)-[alpha-L-fucopyranose-(1-6)]2-acetamido-2-deoxy-beta-D-glucopyranose
6 branched 2-acetamido-2-deoxy-beta-D-glucopyranose-(1-2)-alpha-D-mannopyranose-(1-6)-[alpha-D-mannopyranose-(1-3)]beta-D-mannopyranose-(1-4)-2-acetamido-2-deoxy-beta-D-glucopyranose-(1-4)-[alpha-L-fucopyranose-(1-6)]2-acetamido-2-deoxy-beta-D-glucopyranose
7 non-polymer 2-acetamido-2-deoxy-beta-D-glucopyranose
8 non-polymer 'CALCIUM ION'
9 non-polymer 'THIOCYANATE ION'
10 non-polymer 'PROTOPORPHYRIN IX CONTAINING FE'
11 water water
#
loop_
_entity_poly.entity_id
_entity_poly.type
_entity_poly.pdbx_seq_one_letter_code
_entity_poly.pdbx_strand_id
1 'polypeptide(L)'
;VNCETSCVQQPPCFPLKIPPNDPRIKNQADCIPFFRS(2CO)PACPGSNITIRNQINALTSFVDASMVYGSEEPLARNLR
NMSNQLGLLAVNQRFQDNGRALLPFDNLHDDPCLLTNRSARIPCFLAGDTRSSEMPELTSMHTLLLREHNRLATELKSLN
PRWDGERLYQEARKIVGAMVQIITYRDYLPLVLGPTAMRKYLPTYRSYNDSVDPRIANVFTNAFRYGHTLIQPFMFRLDN
RYQPMEPNPRVPLSRVFFASWRVVLEGGIDPILRGLMATPAKLNRQNQIAVDEIRERLFEQVMRIGLDLPALNMQRSRDH
GLPGYNAWRRFCGLPQPETVGQLGTVLRNLKLARKLMEQYGTPNNIDIWMGGVSEPLKRKGRVGPLLACIIGTQFRKLRD
GDRFWWENEGVFSMQQRQALAQISLPRIICDNTGITTVSKNNIFMSNSYPRDFVNCSTLPALNLASWREAS
;
B,D
2 'polypeptide(L)' ANFLEHELSYIDVLLDKNADQATKDNLRSYFADKGLHSIKDIINKAKQDGFDVSKYEHVK E,F
3 'polypeptide(L)'
;VTCPEQDKYRTITGMCNNRRSPTLGASNRAFVRWLPAEYEDGFSLPYGWTPGVKRNGFPVALARAVSNEIVRFPTDQLTP
DQERSLMFMQWGQLLDHDLDFTPEPAARASFVTG
;
A,C
#
# COMPACT_ATOMS: atom_id res chain seq x y z
N ASN A 2 -27.23 9.47 -8.49
CA ASN A 2 -27.62 10.33 -9.64
C ASN A 2 -26.72 11.56 -9.75
N CYS A 3 -25.41 11.33 -9.72
CA CYS A 3 -24.45 12.42 -9.74
C CYS A 3 -24.49 13.22 -11.04
N GLU A 4 -25.05 12.64 -12.13
CA GLU A 4 -25.18 13.28 -13.40
C GLU A 4 -26.17 14.46 -13.38
N THR A 5 -27.15 14.43 -12.48
CA THR A 5 -28.19 15.45 -12.48
C THR A 5 -28.40 16.07 -11.10
N SER A 6 -27.92 15.43 -10.03
CA SER A 6 -28.13 15.99 -8.70
C SER A 6 -26.95 16.85 -8.30
N CYS A 7 -27.22 17.91 -7.52
CA CYS A 7 -26.19 18.71 -6.91
C CYS A 7 -26.11 18.43 -5.41
N VAL A 8 -26.85 17.41 -4.93
CA VAL A 8 -26.74 17.02 -3.53
C VAL A 8 -25.48 16.20 -3.35
N GLN A 9 -24.72 16.54 -2.32
CA GLN A 9 -23.47 15.87 -2.05
C GLN A 9 -23.76 14.67 -1.13
N GLN A 10 -23.79 13.49 -1.71
CA GLN A 10 -24.11 12.27 -0.98
C GLN A 10 -23.34 11.14 -1.66
N PRO A 11 -22.80 10.15 -0.93
CA PRO A 11 -21.93 9.18 -1.59
C PRO A 11 -22.67 8.54 -2.75
N PRO A 12 -22.10 8.32 -3.95
CA PRO A 12 -20.71 8.59 -4.30
C PRO A 12 -20.44 9.88 -5.09
N CYS A 13 -21.35 10.85 -4.95
CA CYS A 13 -21.26 12.11 -5.68
C CYS A 13 -20.43 13.11 -4.90
N PHE A 14 -19.52 13.84 -5.61
CA PHE A 14 -18.72 14.89 -5.02
C PHE A 14 -18.76 16.11 -5.95
N PRO A 15 -19.95 16.68 -6.22
CA PRO A 15 -20.11 17.70 -7.25
C PRO A 15 -19.22 18.94 -6.99
N LEU A 16 -18.69 19.55 -8.05
CA LEU A 16 -18.01 20.82 -7.91
C LEU A 16 -19.03 21.93 -7.75
N LYS A 17 -18.88 22.70 -6.68
CA LYS A 17 -19.73 23.87 -6.44
C LYS A 17 -19.21 25.05 -7.28
N ILE A 18 -20.09 26.03 -7.43
CA ILE A 18 -19.94 27.15 -8.33
C ILE A 18 -19.63 28.37 -7.52
N PRO A 19 -18.52 29.09 -7.81
CA PRO A 19 -18.22 30.31 -7.07
C PRO A 19 -19.09 31.49 -7.50
N PRO A 20 -19.27 32.50 -6.63
CA PRO A 20 -19.98 33.71 -7.02
C PRO A 20 -19.32 34.41 -8.21
N ASN A 21 -20.12 35.02 -9.07
CA ASN A 21 -19.56 35.75 -10.22
C ASN A 21 -18.74 34.84 -11.14
N ASP A 22 -19.07 33.54 -11.20
CA ASP A 22 -18.50 32.67 -12.20
C ASP A 22 -18.71 33.27 -13.58
N PRO A 23 -17.71 33.24 -14.50
CA PRO A 23 -17.90 33.89 -15.79
C PRO A 23 -18.92 33.19 -16.69
N ARG A 24 -19.21 31.91 -16.43
CA ARG A 24 -20.05 31.11 -17.32
C ARG A 24 -21.32 30.60 -16.62
N ILE A 25 -21.20 30.07 -15.39
CA ILE A 25 -22.36 29.48 -14.74
C ILE A 25 -22.91 30.49 -13.72
N LYS A 26 -23.93 31.22 -14.15
CA LYS A 26 -24.49 32.33 -13.38
C LYS A 26 -25.36 31.85 -12.24
N ASN A 27 -25.84 30.59 -12.37
CA ASN A 27 -26.63 29.91 -11.35
C ASN A 27 -25.73 29.24 -10.31
N GLN A 28 -25.65 29.83 -9.11
CA GLN A 28 -24.79 29.33 -8.06
C GLN A 28 -25.38 28.11 -7.38
N ALA A 29 -26.65 27.82 -7.60
CA ALA A 29 -27.25 26.59 -7.08
C ALA A 29 -27.01 25.41 -8.03
N ASP A 30 -26.43 25.64 -9.23
CA ASP A 30 -26.06 24.55 -10.12
C ASP A 30 -24.71 23.96 -9.65
N CYS A 31 -24.17 23.04 -10.41
CA CYS A 31 -22.90 22.42 -10.05
C CYS A 31 -22.35 21.71 -11.25
N ILE A 32 -21.07 21.34 -11.20
CA ILE A 32 -20.46 20.49 -12.19
C ILE A 32 -20.49 19.06 -11.62
N PRO A 33 -21.11 18.11 -12.36
CA PRO A 33 -21.23 16.75 -11.90
C PRO A 33 -19.90 16.06 -11.66
N PHE A 34 -19.86 15.19 -10.65
CA PHE A 34 -18.66 14.44 -10.35
C PHE A 34 -18.98 13.19 -9.51
N PHE A 35 -18.58 12.05 -10.06
CA PHE A 35 -18.63 10.74 -9.40
C PHE A 35 -17.23 10.41 -8.87
N ARG A 36 -17.13 10.10 -7.56
CA ARG A 36 -15.89 9.65 -6.95
C ARG A 36 -15.42 8.34 -7.54
N SER A 37 -14.11 8.24 -7.80
CA SER A 37 -13.52 7.00 -8.29
C SER A 37 -13.83 5.82 -7.39
N PRO A 39 -13.70 2.77 -4.97
CA PRO A 39 -12.75 2.31 -3.97
C PRO A 39 -12.37 0.83 -4.12
N ALA A 40 -11.09 0.53 -3.89
CA ALA A 40 -10.56 -0.82 -4.02
C ALA A 40 -11.19 -1.72 -2.98
N CYS A 41 -11.48 -1.14 -1.81
CA CYS A 41 -12.12 -1.88 -0.70
C CYS A 41 -13.42 -1.19 -0.27
N PRO A 42 -14.54 -1.39 -0.99
CA PRO A 42 -15.75 -0.60 -0.77
C PRO A 42 -16.33 -0.76 0.62
N GLY A 43 -16.66 0.35 1.27
CA GLY A 43 -17.44 0.30 2.47
C GLY A 43 -16.58 0.20 3.74
N SER A 44 -15.26 0.04 3.60
CA SER A 44 -14.37 -0.25 4.72
C SER A 44 -14.17 1.03 5.51
N ASN A 45 -14.06 0.86 6.83
CA ASN A 45 -13.63 1.95 7.69
C ASN A 45 -12.21 1.69 8.24
N ILE A 46 -11.64 0.49 7.97
CA ILE A 46 -10.27 0.12 8.30
C ILE A 46 -9.25 0.60 7.25
N THR A 47 -9.48 0.32 5.94
CA THR A 47 -8.49 0.60 4.91
C THR A 47 -8.45 2.10 4.63
N ILE A 48 -7.31 2.57 4.12
CA ILE A 48 -7.21 3.90 3.55
C ILE A 48 -7.65 3.78 2.10
N ARG A 49 -8.65 4.58 1.74
CA ARG A 49 -9.31 4.41 0.47
C ARG A 49 -8.27 4.57 -0.62
N ASN A 50 -8.33 3.64 -1.59
CA ASN A 50 -7.50 3.75 -2.79
C ASN A 50 -8.36 3.49 -4.01
N GLN A 51 -7.85 3.88 -5.16
CA GLN A 51 -8.54 3.70 -6.41
C GLN A 51 -7.92 2.56 -7.27
N ILE A 52 -8.58 2.27 -8.40
CA ILE A 52 -8.35 1.08 -9.20
C ILE A 52 -7.94 1.50 -10.61
N ASN A 53 -6.90 0.83 -11.13
CA ASN A 53 -6.53 0.90 -12.52
C ASN A 53 -7.15 -0.28 -13.25
N ALA A 54 -8.00 0.01 -14.24
CA ALA A 54 -8.68 -1.00 -15.02
C ALA A 54 -7.81 -1.57 -16.15
N LEU A 55 -6.62 -0.97 -16.42
CA LEU A 55 -5.77 -1.38 -17.54
C LEU A 55 -4.45 -2.01 -17.08
N THR A 56 -3.74 -2.66 -18.04
CA THR A 56 -2.38 -3.11 -17.78
C THR A 56 -1.49 -1.88 -17.66
N SER A 57 -0.58 -1.80 -16.67
CA SER A 57 0.26 -0.61 -16.55
C SER A 57 1.27 -0.58 -17.71
N PHE A 58 1.60 -1.77 -18.25
CA PHE A 58 2.68 -1.89 -19.21
C PHE A 58 2.33 -1.06 -20.45
N VAL A 59 3.38 -0.61 -21.13
CA VAL A 59 3.25 -0.07 -22.47
C VAL A 59 3.19 -1.23 -23.44
N ASP A 60 1.99 -1.81 -23.63
CA ASP A 60 1.77 -3.08 -24.33
C ASP A 60 0.65 -3.00 -25.36
N ALA A 61 0.24 -1.78 -25.68
CA ALA A 61 -0.83 -1.50 -26.64
C ALA A 61 -2.12 -2.14 -26.20
N SER A 62 -2.38 -2.05 -24.89
CA SER A 62 -3.60 -2.60 -24.34
C SER A 62 -4.79 -1.74 -24.79
N MET A 63 -4.54 -0.53 -25.26
CA MET A 63 -5.60 0.32 -25.77
C MET A 63 -6.05 -0.13 -27.15
N VAL A 64 -5.25 -0.99 -27.79
CA VAL A 64 -5.65 -1.68 -29.02
C VAL A 64 -6.27 -3.04 -28.73
N TYR A 65 -5.65 -3.80 -27.83
CA TYR A 65 -5.94 -5.25 -27.71
C TYR A 65 -6.90 -5.54 -26.57
N GLY A 66 -7.05 -4.55 -25.65
CA GLY A 66 -7.81 -4.69 -24.42
C GLY A 66 -6.99 -5.24 -23.26
N SER A 67 -7.58 -5.08 -22.06
CA SER A 67 -6.95 -5.43 -20.79
C SER A 67 -7.68 -6.53 -20.01
N GLU A 68 -8.70 -7.13 -20.67
CA GLU A 68 -9.59 -8.14 -20.12
C GLU A 68 -9.84 -9.17 -21.21
N GLU A 69 -9.90 -10.44 -20.83
CA GLU A 69 -9.98 -11.56 -21.80
C GLU A 69 -11.23 -11.54 -22.68
N PRO A 70 -12.45 -11.31 -22.13
CA PRO A 70 -13.64 -11.25 -22.98
C PRO A 70 -13.54 -10.18 -24.07
N LEU A 71 -13.21 -8.95 -23.68
CA LEU A 71 -13.01 -7.85 -24.60
C LEU A 71 -11.92 -8.21 -25.61
N ALA A 72 -10.79 -8.79 -25.18
CA ALA A 72 -9.72 -9.05 -26.12
C ALA A 72 -10.18 -9.98 -27.25
N ARG A 73 -11.06 -10.95 -26.93
CA ARG A 73 -11.60 -11.90 -27.88
C ARG A 73 -12.63 -11.25 -28.80
N ASN A 74 -13.49 -10.39 -28.22
CA ASN A 74 -14.46 -9.59 -28.97
C ASN A 74 -13.78 -8.67 -30.00
N LEU A 75 -12.57 -8.19 -29.70
CA LEU A 75 -11.83 -7.34 -30.64
C LEU A 75 -11.24 -8.11 -31.82
N ARG A 76 -11.21 -9.45 -31.74
CA ARG A 76 -10.57 -10.27 -32.76
C ARG A 76 -11.59 -10.73 -33.79
N ASN A 77 -11.09 -10.89 -35.03
CA ASN A 77 -11.83 -11.48 -36.13
C ASN A 77 -11.74 -13.01 -35.99
N MET A 78 -12.84 -13.63 -35.62
CA MET A 78 -12.88 -15.08 -35.30
C MET A 78 -13.46 -15.92 -36.42
N SER A 79 -13.60 -15.34 -37.62
CA SER A 79 -14.21 -16.06 -38.74
C SER A 79 -13.16 -16.71 -39.63
N ASN A 80 -11.88 -16.57 -39.33
CA ASN A 80 -10.83 -17.22 -40.09
C ASN A 80 -9.61 -17.36 -39.17
N GLN A 81 -8.50 -17.90 -39.69
CA GLN A 81 -7.27 -18.16 -38.98
C GLN A 81 -6.21 -17.15 -39.37
N LEU A 82 -6.59 -15.89 -39.64
CA LEU A 82 -5.62 -14.95 -40.20
C LEU A 82 -5.03 -14.04 -39.13
N GLY A 83 -5.51 -14.20 -37.89
CA GLY A 83 -4.96 -13.49 -36.74
C GLY A 83 -5.30 -11.99 -36.71
N LEU A 84 -6.41 -11.57 -37.31
CA LEU A 84 -6.77 -10.18 -37.51
C LEU A 84 -7.63 -9.65 -36.36
N LEU A 85 -7.64 -8.32 -36.24
CA LEU A 85 -8.59 -7.60 -35.42
C LEU A 85 -9.82 -7.35 -36.27
N ALA A 86 -10.97 -7.41 -35.59
CA ALA A 86 -12.26 -7.16 -36.19
C ALA A 86 -12.36 -5.72 -36.69
N VAL A 87 -13.09 -5.55 -37.79
CA VAL A 87 -13.24 -4.27 -38.46
C VAL A 87 -14.73 -4.04 -38.68
N ASN A 88 -15.05 -2.76 -38.79
CA ASN A 88 -16.42 -2.35 -39.04
C ASN A 88 -16.94 -3.08 -40.25
N GLN A 89 -18.19 -3.55 -40.21
CA GLN A 89 -18.75 -4.35 -41.30
C GLN A 89 -19.73 -3.55 -42.15
N ARG A 90 -20.03 -2.30 -41.81
CA ARG A 90 -20.96 -1.48 -42.58
C ARG A 90 -20.23 -0.29 -43.25
N PHE A 91 -19.11 0.16 -42.70
CA PHE A 91 -18.43 1.34 -43.23
C PHE A 91 -16.93 1.10 -43.42
N GLN A 92 -16.43 1.70 -44.50
CA GLN A 92 -15.00 1.79 -44.78
C GLN A 92 -14.61 3.25 -45.02
N ASP A 93 -13.29 3.50 -45.01
CA ASP A 93 -12.70 4.81 -45.20
C ASP A 93 -11.87 4.71 -46.46
N ASN A 94 -12.49 5.08 -47.59
CA ASN A 94 -11.90 4.93 -48.91
C ASN A 94 -11.27 3.56 -49.01
N GLY A 95 -12.06 2.52 -48.74
CA GLY A 95 -11.62 1.14 -48.93
C GLY A 95 -10.74 0.64 -47.78
N ARG A 96 -10.49 1.45 -46.74
CA ARG A 96 -9.67 0.94 -45.62
C ARG A 96 -10.53 0.73 -44.36
N ALA A 97 -10.04 -0.05 -43.39
CA ALA A 97 -10.84 -0.44 -42.25
C ALA A 97 -11.12 0.72 -41.30
N LEU A 98 -12.33 0.67 -40.71
CA LEU A 98 -12.68 1.42 -39.53
C LEU A 98 -12.86 0.47 -38.34
N LEU A 99 -12.74 1.03 -37.13
CA LEU A 99 -12.99 0.30 -35.91
C LEU A 99 -14.43 -0.21 -35.99
N PRO A 100 -14.69 -1.40 -35.42
CA PRO A 100 -16.08 -1.84 -35.25
C PRO A 100 -16.83 -0.91 -34.28
N PHE A 101 -18.14 -1.02 -34.29
CA PHE A 101 -19.00 -0.26 -33.44
C PHE A 101 -19.22 -1.03 -32.16
N ASP A 102 -19.26 -0.27 -31.07
CA ASP A 102 -19.61 -0.80 -29.77
C ASP A 102 -21.13 -0.75 -29.65
N ASN A 103 -21.64 -1.50 -28.66
CA ASN A 103 -23.05 -1.59 -28.32
C ASN A 103 -23.23 -1.18 -26.85
N LEU A 104 -23.26 0.13 -26.57
CA LEU A 104 -23.44 0.67 -25.23
C LEU A 104 -24.93 0.84 -24.96
N HIS A 105 -25.33 0.66 -23.69
CA HIS A 105 -26.67 0.94 -23.23
C HIS A 105 -27.01 2.42 -23.28
N ASP A 106 -26.11 3.33 -22.86
CA ASP A 106 -26.28 4.77 -23.06
C ASP A 106 -25.11 5.31 -23.91
N ASP A 107 -25.31 5.47 -25.23
CA ASP A 107 -24.23 5.72 -26.14
C ASP A 107 -24.13 7.23 -26.33
N PRO A 108 -23.05 7.91 -25.91
CA PRO A 108 -22.97 9.35 -26.07
C PRO A 108 -22.69 9.84 -27.50
N CYS A 109 -22.02 9.02 -28.30
CA CYS A 109 -21.74 9.36 -29.67
C CYS A 109 -23.00 9.62 -30.49
N LEU A 110 -24.10 8.88 -30.21
CA LEU A 110 -25.32 9.07 -30.96
C LEU A 110 -25.92 10.48 -30.74
N LEU A 111 -25.61 11.12 -29.60
CA LEU A 111 -26.18 12.42 -29.25
C LEU A 111 -25.49 13.58 -29.98
N THR A 112 -24.31 13.35 -30.60
CA THR A 112 -23.54 14.45 -31.15
C THR A 112 -24.16 14.91 -32.47
N ASN A 113 -24.45 14.01 -33.39
CA ASN A 113 -25.23 14.29 -34.59
C ASN A 113 -26.38 13.28 -34.65
N ARG A 114 -27.59 13.70 -34.26
CA ARG A 114 -28.73 12.81 -34.11
C ARG A 114 -29.12 12.14 -35.42
N SER A 115 -29.27 12.88 -36.52
CA SER A 115 -29.72 12.26 -37.76
C SER A 115 -28.72 11.20 -38.26
N ALA A 116 -27.42 11.37 -38.01
CA ALA A 116 -26.39 10.49 -38.54
C ALA A 116 -26.38 9.11 -37.87
N ARG A 117 -26.69 9.03 -36.56
CA ARG A 117 -26.89 7.76 -35.86
C ARG A 117 -25.66 6.85 -35.97
N ILE A 118 -24.48 7.42 -35.70
CA ILE A 118 -23.23 6.70 -35.72
C ILE A 118 -22.80 6.49 -34.27
N PRO A 119 -22.79 5.23 -33.79
CA PRO A 119 -22.50 4.96 -32.39
C PRO A 119 -21.01 5.05 -32.12
N CYS A 120 -20.64 4.91 -30.86
CA CYS A 120 -19.25 4.91 -30.50
C CYS A 120 -18.58 3.63 -31.01
N PHE A 121 -17.25 3.70 -31.07
CA PHE A 121 -16.43 2.62 -31.58
C PHE A 121 -16.03 1.70 -30.44
N LEU A 122 -15.65 0.49 -30.82
CA LEU A 122 -15.18 -0.59 -29.95
C LEU A 122 -13.67 -0.71 -30.10
N ALA A 123 -12.96 -0.60 -28.98
CA ALA A 123 -11.51 -0.67 -28.99
C ALA A 123 -11.02 -1.27 -27.69
N GLY A 124 -9.70 -1.37 -27.59
CA GLY A 124 -9.06 -1.92 -26.40
C GLY A 124 -9.36 -1.12 -25.15
N ASP A 125 -9.58 0.18 -25.33
CA ASP A 125 -9.92 1.10 -24.26
C ASP A 125 -11.27 1.78 -24.56
N THR A 126 -12.06 2.09 -23.52
CA THR A 126 -13.42 2.58 -23.65
C THR A 126 -13.53 4.05 -24.13
N ARG A 127 -12.44 4.78 -24.23
CA ARG A 127 -12.47 6.21 -24.49
C ARG A 127 -12.11 6.55 -25.94
N SER A 128 -12.02 5.53 -26.81
CA SER A 128 -11.50 5.68 -28.17
C SER A 128 -12.25 6.70 -29.03
N SER A 129 -13.51 7.00 -28.73
CA SER A 129 -14.35 7.94 -29.45
C SER A 129 -14.29 9.37 -28.88
N GLU A 130 -13.47 9.65 -27.86
CA GLU A 130 -13.63 10.87 -27.07
C GLU A 130 -13.37 12.12 -27.92
N MET A 131 -12.42 12.03 -28.85
CA MET A 131 -12.08 13.05 -29.83
C MET A 131 -11.73 12.28 -31.11
N PRO A 132 -12.14 12.72 -32.31
CA PRO A 132 -11.80 12.02 -33.55
C PRO A 132 -10.29 11.84 -33.83
N GLU A 133 -9.49 12.76 -33.32
CA GLU A 133 -8.04 12.64 -33.43
C GLU A 133 -7.55 11.35 -32.71
N LEU A 134 -8.09 11.07 -31.55
CA LEU A 134 -7.80 9.89 -30.78
C LEU A 134 -8.27 8.67 -31.57
N THR A 135 -9.52 8.73 -32.04
CA THR A 135 -10.07 7.68 -32.86
C THR A 135 -9.15 7.32 -34.02
N SER A 136 -8.61 8.34 -34.68
CA SER A 136 -7.77 8.12 -35.85
C SER A 136 -6.51 7.30 -35.52
N MET A 137 -5.88 7.58 -34.39
CA MET A 137 -4.71 6.86 -33.92
C MET A 137 -5.08 5.42 -33.56
N HIS A 138 -6.24 5.21 -32.93
CA HIS A 138 -6.74 3.87 -32.67
C HIS A 138 -6.93 3.10 -33.97
N THR A 139 -7.52 3.80 -34.96
CA THR A 139 -7.81 3.21 -36.26
C THR A 139 -6.50 2.86 -36.98
N LEU A 140 -5.52 3.78 -36.90
CA LEU A 140 -4.22 3.57 -37.49
C LEU A 140 -3.55 2.29 -36.99
N LEU A 141 -3.57 2.08 -35.67
CA LEU A 141 -2.92 0.95 -35.05
C LEU A 141 -3.64 -0.36 -35.36
N LEU A 142 -4.99 -0.35 -35.41
CA LEU A 142 -5.77 -1.50 -35.83
C LEU A 142 -5.35 -1.93 -37.22
N ARG A 143 -5.25 -0.97 -38.14
CA ARG A 143 -4.82 -1.25 -39.50
C ARG A 143 -3.43 -1.89 -39.52
N GLU A 144 -2.50 -1.30 -38.75
CA GLU A 144 -1.12 -1.79 -38.73
C GLU A 144 -1.04 -3.23 -38.20
N HIS A 145 -1.84 -3.57 -37.17
CA HIS A 145 -2.01 -4.95 -36.77
C HIS A 145 -2.32 -5.85 -37.96
N ASN A 146 -3.41 -5.53 -38.68
CA ASN A 146 -3.86 -6.39 -39.77
C ASN A 146 -2.81 -6.48 -40.86
N ARG A 147 -2.10 -5.38 -41.14
CA ARG A 147 -1.05 -5.37 -42.16
C ARG A 147 0.10 -6.33 -41.75
N LEU A 148 0.53 -6.24 -40.51
CA LEU A 148 1.59 -7.10 -40.02
C LEU A 148 1.16 -8.58 -40.07
N ALA A 149 -0.05 -8.89 -39.58
CA ALA A 149 -0.54 -10.26 -39.63
C ALA A 149 -0.58 -10.76 -41.06
N THR A 150 -1.02 -9.90 -41.99
CA THR A 150 -1.14 -10.26 -43.40
C THR A 150 0.24 -10.65 -43.91
N GLU A 151 1.24 -9.82 -43.60
CA GLU A 151 2.58 -10.08 -44.12
C GLU A 151 3.17 -11.32 -43.46
N LEU A 152 2.90 -11.53 -42.15
CA LEU A 152 3.47 -12.68 -41.47
C LEU A 152 2.87 -13.99 -41.98
N LYS A 153 1.59 -13.95 -42.39
CA LYS A 153 0.90 -15.12 -42.93
C LYS A 153 1.52 -15.50 -44.28
N SER A 154 1.73 -14.47 -45.10
CA SER A 154 2.47 -14.63 -46.33
C SER A 154 3.85 -15.23 -46.07
N LEU A 155 4.56 -14.72 -45.07
CA LEU A 155 5.91 -15.20 -44.80
C LEU A 155 5.91 -16.60 -44.14
N ASN A 156 4.94 -16.89 -43.27
CA ASN A 156 4.89 -18.15 -42.52
C ASN A 156 3.52 -18.79 -42.74
N PRO A 157 3.24 -19.41 -43.92
CA PRO A 157 1.90 -19.86 -44.23
C PRO A 157 1.30 -20.85 -43.22
N ARG A 158 2.15 -21.58 -42.47
CA ARG A 158 1.62 -22.62 -41.60
C ARG A 158 1.22 -22.05 -40.24
N TRP A 159 1.58 -20.81 -39.93
CA TRP A 159 1.13 -20.21 -38.68
C TRP A 159 -0.39 -20.14 -38.63
N ASP A 160 -0.96 -20.55 -37.48
CA ASP A 160 -2.38 -20.43 -37.18
C ASP A 160 -2.74 -19.01 -36.72
N GLY A 161 -4.04 -18.74 -36.56
CA GLY A 161 -4.52 -17.42 -36.23
C GLY A 161 -3.98 -16.91 -34.89
N GLU A 162 -3.91 -17.80 -33.90
CA GLU A 162 -3.46 -17.41 -32.58
C GLU A 162 -2.01 -16.92 -32.71
N ARG A 163 -1.16 -17.69 -33.39
CA ARG A 163 0.25 -17.34 -33.59
C ARG A 163 0.40 -16.01 -34.31
N LEU A 164 -0.35 -15.84 -35.42
CA LEU A 164 -0.33 -14.59 -36.19
C LEU A 164 -0.71 -13.40 -35.31
N TYR A 165 -1.83 -13.52 -34.61
CA TYR A 165 -2.31 -12.45 -33.75
C TYR A 165 -1.27 -12.11 -32.68
N GLN A 166 -0.68 -13.14 -32.04
CA GLN A 166 0.25 -12.88 -30.96
C GLN A 166 1.50 -12.18 -31.51
N GLU A 167 1.98 -12.62 -32.69
CA GLU A 167 3.23 -12.10 -33.26
C GLU A 167 3.02 -10.64 -33.71
N ALA A 168 1.90 -10.33 -34.35
CA ALA A 168 1.59 -8.96 -34.74
C ALA A 168 1.41 -8.06 -33.52
N ARG A 169 0.64 -8.57 -32.53
CA ARG A 169 0.42 -7.86 -31.29
C ARG A 169 1.74 -7.45 -30.63
N LYS A 170 2.68 -8.38 -30.63
CA LYS A 170 3.99 -8.16 -30.00
C LYS A 170 4.79 -7.08 -30.73
N ILE A 171 4.67 -7.06 -32.06
CA ILE A 171 5.33 -6.05 -32.88
C ILE A 171 4.68 -4.70 -32.60
N VAL A 172 3.34 -4.62 -32.56
CA VAL A 172 2.67 -3.35 -32.28
C VAL A 172 3.04 -2.80 -30.91
N GLY A 173 3.08 -3.66 -29.91
CA GLY A 173 3.54 -3.34 -28.58
C GLY A 173 4.92 -2.75 -28.60
N ALA A 174 5.84 -3.37 -29.36
CA ALA A 174 7.20 -2.86 -29.47
C ALA A 174 7.28 -1.47 -30.13
N MET A 175 6.44 -1.24 -31.14
CA MET A 175 6.42 0.03 -31.85
C MET A 175 5.89 1.15 -30.95
N VAL A 176 4.91 0.85 -30.10
CA VAL A 176 4.42 1.83 -29.15
C VAL A 176 5.52 2.20 -28.15
N GLN A 177 6.26 1.21 -27.71
CA GLN A 177 7.37 1.42 -26.79
C GLN A 177 8.43 2.30 -27.42
N ILE A 178 8.78 2.00 -28.66
CA ILE A 178 9.83 2.74 -29.34
C ILE A 178 9.40 4.19 -29.59
N ILE A 179 8.21 4.40 -30.13
CA ILE A 179 7.77 5.74 -30.41
C ILE A 179 7.74 6.50 -29.09
N THR A 180 7.29 5.82 -28.03
CA THR A 180 7.15 6.45 -26.75
C THR A 180 8.50 6.88 -26.14
N TYR A 181 9.46 5.95 -26.08
CA TYR A 181 10.70 6.20 -25.37
C TYR A 181 11.77 6.88 -26.24
N ARG A 182 11.78 6.63 -27.54
CA ARG A 182 12.78 7.21 -28.42
C ARG A 182 12.33 8.61 -28.86
N ASP A 183 11.06 8.81 -29.21
CA ASP A 183 10.60 10.00 -29.90
C ASP A 183 9.80 10.93 -28.97
N TYR A 184 8.88 10.36 -28.16
CA TYR A 184 7.93 11.17 -27.41
C TYR A 184 8.55 11.70 -26.11
N LEU A 185 8.99 10.80 -25.23
CA LEU A 185 9.36 11.20 -23.87
C LEU A 185 10.51 12.19 -23.83
N PRO A 186 11.55 12.12 -24.70
CA PRO A 186 12.58 13.17 -24.69
C PRO A 186 12.01 14.58 -24.91
N LEU A 187 10.92 14.72 -25.66
CA LEU A 187 10.35 16.05 -25.94
C LEU A 187 9.38 16.47 -24.83
N VAL A 188 8.92 15.51 -24.03
CA VAL A 188 8.23 15.83 -22.80
C VAL A 188 9.22 16.37 -21.75
N LEU A 189 10.26 15.58 -21.48
CA LEU A 189 11.08 15.78 -20.29
C LEU A 189 12.22 16.77 -20.55
N GLY A 190 12.67 16.85 -21.83
CA GLY A 190 13.91 17.53 -22.20
C GLY A 190 15.13 16.73 -21.79
N PRO A 191 16.30 17.05 -22.36
CA PRO A 191 17.46 16.19 -22.27
C PRO A 191 18.01 15.89 -20.87
N THR A 192 18.04 16.89 -20.00
CA THR A 192 18.56 16.77 -18.65
C THR A 192 17.72 15.76 -17.87
N ALA A 193 16.40 15.95 -17.83
CA ALA A 193 15.50 15.09 -17.10
C ALA A 193 15.53 13.69 -17.71
N MET A 194 15.66 13.62 -19.04
CA MET A 194 15.63 12.31 -19.73
C MET A 194 16.82 11.47 -19.29
N ARG A 195 18.03 12.09 -19.28
CA ARG A 195 19.24 11.44 -18.79
C ARG A 195 19.11 11.09 -17.31
N LYS A 196 18.47 11.94 -16.52
CA LYS A 196 18.36 11.68 -15.11
C LYS A 196 17.41 10.52 -14.82
N TYR A 197 16.22 10.53 -15.40
CA TYR A 197 15.14 9.64 -15.01
C TYR A 197 15.09 8.40 -15.89
N LEU A 198 15.69 8.49 -17.08
CA LEU A 198 15.69 7.37 -17.99
C LEU A 198 17.10 7.18 -18.54
N PRO A 199 18.03 6.75 -17.69
CA PRO A 199 19.35 6.37 -18.14
C PRO A 199 19.23 5.13 -19.00
N THR A 200 20.28 4.88 -19.79
CA THR A 200 20.33 3.85 -20.80
C THR A 200 19.86 2.52 -20.19
N TYR A 201 19.02 1.80 -20.96
CA TYR A 201 18.45 0.54 -20.51
C TYR A 201 19.54 -0.51 -20.29
N ARG A 202 19.45 -1.30 -19.21
CA ARG A 202 20.38 -2.40 -18.99
C ARG A 202 19.65 -3.72 -19.28
N SER A 203 18.74 -4.09 -18.39
CA SER A 203 18.10 -5.38 -18.48
C SER A 203 16.87 -5.40 -17.60
N TYR A 204 15.96 -6.35 -17.84
CA TYR A 204 14.80 -6.50 -16.97
C TYR A 204 15.21 -6.71 -15.51
N ASN A 205 14.59 -5.94 -14.61
CA ASN A 205 14.82 -6.06 -13.17
C ASN A 205 13.49 -6.44 -12.51
N ASP A 206 13.35 -7.70 -12.06
CA ASP A 206 12.13 -8.23 -11.47
C ASP A 206 11.78 -7.65 -10.10
N SER A 207 12.57 -6.71 -9.57
CA SER A 207 12.28 -6.05 -8.30
C SER A 207 11.88 -4.61 -8.51
N VAL A 208 11.77 -4.17 -9.75
CA VAL A 208 11.21 -2.87 -10.06
C VAL A 208 9.69 -3.02 -10.15
N ASP A 209 8.97 -2.33 -9.27
CA ASP A 209 7.51 -2.36 -9.27
C ASP A 209 6.96 -1.61 -10.49
N PRO A 210 6.21 -2.28 -11.40
CA PRO A 210 5.73 -1.60 -12.59
C PRO A 210 4.31 -1.01 -12.50
N ARG A 211 3.74 -0.88 -11.29
CA ARG A 211 2.37 -0.41 -11.20
C ARG A 211 2.37 1.08 -11.53
N ILE A 212 1.24 1.57 -12.04
CA ILE A 212 0.96 2.99 -12.11
C ILE A 212 0.74 3.52 -10.70
N ALA A 213 1.42 4.63 -10.38
CA ALA A 213 1.19 5.29 -9.11
C ALA A 213 -0.06 6.15 -9.21
N ASN A 214 -0.81 6.22 -8.13
CA ASN A 214 -2.00 7.06 -8.07
C ASN A 214 -1.69 8.46 -8.62
N VAL A 215 -0.61 9.07 -8.18
CA VAL A 215 -0.34 10.47 -8.52
C VAL A 215 -0.14 10.64 -10.02
N PHE A 216 0.40 9.62 -10.69
CA PHE A 216 0.63 9.70 -12.12
C PHE A 216 -0.68 9.92 -12.89
N THR A 217 -1.80 9.32 -12.42
CA THR A 217 -3.07 9.46 -13.10
C THR A 217 -3.44 10.93 -13.20
N ASN A 218 -2.96 11.76 -12.26
CA ASN A 218 -3.29 13.18 -12.26
C ASN A 218 -2.15 13.97 -12.93
N ALA A 219 -0.89 13.64 -12.65
CA ALA A 219 0.23 14.43 -13.16
C ALA A 219 0.37 14.33 -14.69
N PHE A 220 0.06 13.17 -15.27
CA PHE A 220 0.13 12.96 -16.71
C PHE A 220 -0.97 13.72 -17.45
N ARG A 221 -1.94 14.29 -16.72
CA ARG A 221 -2.90 15.19 -17.33
C ARG A 221 -2.27 16.55 -17.65
N TYR A 222 -0.95 16.70 -17.49
CA TYR A 222 -0.24 17.88 -17.99
C TYR A 222 -0.61 18.17 -19.44
N GLY A 223 -0.91 17.11 -20.17
CA GLY A 223 -1.26 17.16 -21.59
C GLY A 223 -2.45 18.06 -21.93
N HIS A 224 -3.32 18.28 -20.95
CA HIS A 224 -4.51 19.10 -21.21
C HIS A 224 -4.08 20.51 -21.61
N THR A 225 -2.89 20.94 -21.14
CA THR A 225 -2.35 22.26 -21.47
C THR A 225 -1.96 22.38 -22.96
N LEU A 226 -1.84 21.26 -23.65
CA LEU A 226 -1.35 21.20 -25.03
C LEU A 226 -2.50 21.34 -26.02
N ILE A 227 -3.74 21.24 -25.51
CA ILE A 227 -4.90 21.05 -26.35
C ILE A 227 -5.27 22.35 -27.04
N GLN A 228 -5.49 22.24 -28.39
CA GLN A 228 -5.96 23.30 -29.24
C GLN A 228 -7.47 23.31 -29.20
N PRO A 229 -8.13 24.49 -29.37
CA PRO A 229 -9.57 24.56 -29.29
C PRO A 229 -10.34 24.10 -30.52
N PHE A 230 -9.62 23.70 -31.57
CA PHE A 230 -10.24 23.22 -32.78
C PHE A 230 -9.65 21.87 -33.16
N MET A 231 -10.47 21.13 -33.90
CA MET A 231 -9.98 20.03 -34.70
C MET A 231 -9.77 20.52 -36.12
N PHE A 232 -8.55 20.29 -36.63
CA PHE A 232 -8.10 20.78 -37.92
C PHE A 232 -8.03 19.62 -38.93
N ARG A 233 -8.57 19.84 -40.13
CA ARG A 233 -8.63 18.82 -41.18
C ARG A 233 -8.11 19.42 -42.48
N LEU A 234 -7.23 18.66 -43.17
CA LEU A 234 -6.46 19.11 -44.30
C LEU A 234 -6.53 18.04 -45.38
N ASP A 235 -6.52 18.51 -46.61
CA ASP A 235 -6.66 17.70 -47.78
C ASP A 235 -5.27 17.24 -48.20
N ASN A 236 -5.24 16.56 -49.35
CA ASN A 236 -4.04 15.92 -49.85
C ASN A 236 -3.03 16.96 -50.36
N ARG A 237 -3.40 18.24 -50.32
CA ARG A 237 -2.41 19.27 -50.54
C ARG A 237 -2.13 20.00 -49.24
N TYR A 238 -2.54 19.42 -48.11
CA TYR A 238 -2.38 20.02 -46.79
C TYR A 238 -3.07 21.38 -46.72
N GLN A 239 -4.13 21.57 -47.53
CA GLN A 239 -4.97 22.75 -47.45
C GLN A 239 -6.19 22.43 -46.59
N PRO A 240 -6.90 23.46 -46.04
CA PRO A 240 -8.10 23.24 -45.24
C PRO A 240 -9.13 22.48 -46.02
N MET A 241 -9.65 21.35 -45.49
CA MET A 241 -10.57 20.46 -46.19
C MET A 241 -12.01 20.85 -45.90
N GLU A 242 -12.79 21.22 -46.94
CA GLU A 242 -14.19 21.62 -46.80
C GLU A 242 -15.09 20.43 -46.45
N PRO A 243 -16.29 20.65 -45.84
CA PRO A 243 -16.82 21.98 -45.50
C PRO A 243 -16.46 22.57 -44.11
N ASN A 244 -15.97 21.75 -43.16
CA ASN A 244 -15.68 22.21 -41.80
C ASN A 244 -14.23 21.90 -41.47
N PRO A 245 -13.27 22.72 -41.95
CA PRO A 245 -11.86 22.45 -41.69
C PRO A 245 -11.37 22.75 -40.27
N ARG A 246 -12.08 23.60 -39.51
CA ARG A 246 -11.70 23.94 -38.14
C ARG A 246 -12.93 23.83 -37.26
N VAL A 247 -13.09 22.68 -36.60
CA VAL A 247 -14.29 22.43 -35.83
C VAL A 247 -13.97 22.74 -34.38
N PRO A 248 -14.77 23.57 -33.68
CA PRO A 248 -14.58 23.76 -32.24
C PRO A 248 -14.66 22.42 -31.54
N LEU A 249 -13.82 22.23 -30.53
CA LEU A 249 -13.66 20.92 -29.93
C LEU A 249 -14.97 20.48 -29.24
N SER A 250 -15.77 21.43 -28.77
CA SER A 250 -17.05 21.11 -28.18
C SER A 250 -18.06 20.56 -29.18
N ARG A 251 -17.68 20.42 -30.46
CA ARG A 251 -18.50 19.82 -31.50
C ARG A 251 -17.80 18.59 -32.06
N VAL A 252 -16.71 18.10 -31.44
CA VAL A 252 -16.10 16.86 -31.87
C VAL A 252 -16.05 15.81 -30.74
N PHE A 253 -16.31 16.15 -29.46
CA PHE A 253 -16.30 15.12 -28.41
C PHE A 253 -17.37 14.05 -28.69
N PHE A 254 -16.93 12.77 -28.71
CA PHE A 254 -17.73 11.60 -29.05
C PHE A 254 -18.33 11.68 -30.45
N ALA A 255 -17.83 12.55 -31.32
CA ALA A 255 -18.43 12.72 -32.65
C ALA A 255 -17.89 11.69 -33.66
N SER A 256 -18.16 10.42 -33.38
CA SER A 256 -17.74 9.32 -34.24
C SER A 256 -18.23 9.48 -35.69
N TRP A 257 -19.40 10.07 -35.87
CA TRP A 257 -19.96 10.30 -37.19
C TRP A 257 -18.99 11.06 -38.09
N ARG A 258 -18.08 11.86 -37.50
CA ARG A 258 -17.25 12.71 -38.34
C ARG A 258 -16.20 11.84 -39.03
N VAL A 259 -15.71 10.82 -38.34
CA VAL A 259 -14.77 9.88 -38.94
C VAL A 259 -15.46 9.09 -40.05
N VAL A 260 -16.68 8.63 -39.78
CA VAL A 260 -17.37 7.74 -40.69
C VAL A 260 -17.88 8.50 -41.90
N LEU A 261 -18.53 9.65 -41.70
CA LEU A 261 -19.29 10.31 -42.75
C LEU A 261 -18.59 11.56 -43.28
N GLU A 262 -17.60 12.14 -42.57
CA GLU A 262 -16.98 13.36 -43.06
C GLU A 262 -15.51 13.16 -43.43
N GLY A 263 -15.12 12.08 -44.09
CA GLY A 263 -13.85 12.05 -44.78
C GLY A 263 -12.78 11.14 -44.18
N GLY A 264 -13.15 10.32 -43.17
CA GLY A 264 -12.24 9.30 -42.67
C GLY A 264 -11.07 9.89 -41.88
N ILE A 265 -9.97 9.13 -41.74
CA ILE A 265 -8.93 9.52 -40.79
C ILE A 265 -7.82 10.36 -41.44
N ASP A 266 -7.69 10.31 -42.77
CA ASP A 266 -6.57 10.97 -43.45
C ASP A 266 -6.56 12.49 -43.16
N PRO A 267 -7.67 13.21 -43.30
CA PRO A 267 -7.66 14.64 -43.06
C PRO A 267 -7.31 15.00 -41.63
N ILE A 268 -7.74 14.15 -40.68
CA ILE A 268 -7.48 14.34 -39.26
C ILE A 268 -5.99 14.14 -38.98
N LEU A 269 -5.37 13.05 -39.48
CA LEU A 269 -3.93 12.79 -39.25
C LEU A 269 -3.04 13.89 -39.89
N ARG A 270 -3.42 14.39 -41.09
CA ARG A 270 -2.71 15.52 -41.67
C ARG A 270 -2.75 16.73 -40.75
N GLY A 271 -3.94 16.97 -40.17
CA GLY A 271 -4.12 18.14 -39.34
C GLY A 271 -3.25 18.08 -38.08
N LEU A 272 -3.10 16.87 -37.53
CA LEU A 272 -2.26 16.59 -36.38
C LEU A 272 -0.79 16.88 -36.71
N MET A 273 -0.37 16.54 -37.92
CA MET A 273 1.04 16.67 -38.29
C MET A 273 1.40 18.12 -38.61
N ALA A 274 0.45 18.86 -39.22
CA ALA A 274 0.73 20.16 -39.83
C ALA A 274 0.17 21.34 -39.03
N THR A 275 -0.33 21.09 -37.82
CA THR A 275 -0.78 22.12 -36.90
C THR A 275 0.12 22.10 -35.67
N PRO A 276 0.44 23.24 -35.03
CA PRO A 276 1.18 23.22 -33.78
C PRO A 276 0.30 22.78 -32.60
N ALA A 277 0.87 22.13 -31.60
CA ALA A 277 0.28 22.04 -30.29
C ALA A 277 0.15 23.45 -29.71
N LYS A 278 -0.79 23.64 -28.78
CA LYS A 278 -0.75 24.81 -27.91
C LYS A 278 0.46 24.69 -26.97
N LEU A 279 1.17 25.82 -26.77
CA LEU A 279 2.17 25.91 -25.72
C LEU A 279 1.48 26.20 -24.37
N ASN A 280 1.95 25.49 -23.31
CA ASN A 280 1.64 25.81 -21.94
C ASN A 280 2.42 27.05 -21.54
N ARG A 281 1.73 28.12 -21.18
CA ARG A 281 2.33 29.30 -20.57
C ARG A 281 1.56 29.62 -19.29
N GLN A 282 2.25 30.27 -18.35
CA GLN A 282 1.79 30.41 -16.98
C GLN A 282 0.53 31.27 -16.87
N ASN A 283 0.30 32.14 -17.87
CA ASN A 283 -0.89 32.96 -18.00
C ASN A 283 -1.80 32.44 -19.11
N GLN A 284 -1.47 31.27 -19.69
CA GLN A 284 -2.31 30.68 -20.72
C GLN A 284 -2.34 29.15 -20.57
N ILE A 285 -2.90 28.67 -19.47
CA ILE A 285 -2.77 27.27 -19.07
C ILE A 285 -3.66 26.36 -19.92
N ALA A 286 -5.01 26.62 -19.96
CA ALA A 286 -5.88 25.77 -20.76
C ALA A 286 -7.06 26.48 -21.40
N VAL A 287 -7.51 25.93 -22.53
CA VAL A 287 -8.45 26.64 -23.39
C VAL A 287 -9.89 26.46 -22.92
N ASP A 288 -10.69 27.38 -23.41
CA ASP A 288 -12.12 27.50 -23.16
C ASP A 288 -12.87 26.22 -23.59
N GLU A 289 -12.47 25.58 -24.68
CA GLU A 289 -13.23 24.44 -25.17
C GLU A 289 -13.21 23.26 -24.18
N ILE A 290 -12.14 23.14 -23.37
CA ILE A 290 -12.12 22.13 -22.32
C ILE A 290 -12.45 22.72 -20.95
N ARG A 291 -12.29 24.04 -20.74
CA ARG A 291 -12.53 24.63 -19.43
C ARG A 291 -14.01 24.99 -19.27
N GLU A 292 -14.68 25.23 -20.39
CA GLU A 292 -16.02 25.81 -20.39
C GLU A 292 -17.03 24.88 -21.06
N ARG A 293 -16.61 24.04 -22.02
CA ARG A 293 -17.57 23.36 -22.89
C ARG A 293 -17.30 21.85 -23.00
N LEU A 294 -16.53 21.27 -22.07
CA LEU A 294 -16.21 19.86 -22.19
C LEU A 294 -17.49 19.02 -22.21
N PHE A 295 -17.71 18.33 -23.33
CA PHE A 295 -18.80 17.37 -23.46
C PHE A 295 -20.19 18.02 -23.39
N GLU A 296 -20.26 19.31 -23.76
CA GLU A 296 -21.53 20.00 -23.63
C GLU A 296 -22.56 19.44 -24.62
N GLN A 297 -22.16 18.81 -25.72
CA GLN A 297 -23.16 18.26 -26.65
C GLN A 297 -23.85 16.99 -26.10
N VAL A 298 -23.31 16.30 -25.09
CA VAL A 298 -23.78 14.96 -24.75
C VAL A 298 -24.25 14.88 -23.31
N MET A 299 -24.34 16.02 -22.60
CA MET A 299 -24.77 16.02 -21.21
C MET A 299 -25.37 17.37 -20.83
N ARG A 300 -25.86 17.49 -19.58
CA ARG A 300 -26.71 18.63 -19.24
C ARG A 300 -25.93 19.95 -19.17
N ILE A 301 -24.61 19.87 -18.89
CA ILE A 301 -23.83 21.08 -18.70
C ILE A 301 -22.42 20.85 -19.24
N GLY A 302 -21.78 21.93 -19.71
CA GLY A 302 -20.37 21.84 -20.05
C GLY A 302 -19.47 21.64 -18.83
N LEU A 303 -18.54 20.69 -18.90
CA LEU A 303 -17.64 20.42 -17.79
C LEU A 303 -16.42 21.36 -17.90
N ASP A 304 -15.63 21.37 -16.83
CA ASP A 304 -14.36 22.08 -16.75
C ASP A 304 -13.25 21.07 -16.45
N LEU A 305 -12.48 20.68 -17.47
CA LEU A 305 -11.51 19.61 -17.32
C LEU A 305 -10.42 19.98 -16.31
N PRO A 306 -9.81 21.20 -16.34
CA PRO A 306 -8.88 21.62 -15.27
C PRO A 306 -9.46 21.50 -13.85
N ALA A 307 -10.71 21.95 -13.65
CA ALA A 307 -11.38 21.83 -12.34
C ALA A 307 -11.58 20.35 -11.94
N LEU A 308 -12.00 19.52 -12.88
CA LEU A 308 -12.16 18.09 -12.63
C LEU A 308 -10.84 17.49 -12.18
N ASN A 309 -9.72 17.91 -12.79
CA ASN A 309 -8.43 17.32 -12.43
C ASN A 309 -8.16 17.57 -10.97
N MET A 310 -8.53 18.80 -10.52
CA MET A 310 -8.22 19.23 -9.15
C MET A 310 -9.18 18.54 -8.17
N GLN A 311 -10.47 18.44 -8.54
CA GLN A 311 -11.39 17.67 -7.72
C GLN A 311 -10.94 16.19 -7.61
N ARG A 312 -10.50 15.60 -8.71
CA ARG A 312 -10.10 14.21 -8.74
C ARG A 312 -8.87 13.98 -7.83
N SER A 313 -7.89 14.92 -7.79
CA SER A 313 -6.70 14.76 -6.97
C SER A 313 -7.13 14.68 -5.50
N ARG A 314 -8.20 15.43 -5.18
CA ARG A 314 -8.75 15.48 -3.83
C ARG A 314 -9.49 14.19 -3.51
N ASP A 315 -10.31 13.74 -4.45
CA ASP A 315 -11.00 12.46 -4.40
C ASP A 315 -10.02 11.29 -4.14
N HIS A 316 -8.86 11.35 -4.76
CA HIS A 316 -7.83 10.32 -4.63
C HIS A 316 -6.90 10.50 -3.43
N GLY A 317 -7.15 11.52 -2.64
CA GLY A 317 -6.37 11.75 -1.43
C GLY A 317 -4.90 12.07 -1.70
N LEU A 318 -4.65 12.74 -2.82
CA LEU A 318 -3.25 13.03 -3.14
C LEU A 318 -2.74 14.16 -2.27
N PRO A 319 -1.48 14.02 -1.76
CA PRO A 319 -0.79 15.15 -1.16
C PRO A 319 -0.67 16.37 -2.08
N GLY A 320 -0.42 17.52 -1.46
CA GLY A 320 -0.28 18.77 -2.16
C GLY A 320 1.13 18.96 -2.74
N TYR A 321 1.33 20.13 -3.36
CA TYR A 321 2.51 20.42 -4.15
C TYR A 321 3.81 20.19 -3.37
N ASN A 322 3.94 20.77 -2.15
CA ASN A 322 5.19 20.70 -1.43
C ASN A 322 5.51 19.26 -1.04
N ALA A 323 4.50 18.44 -0.75
CA ALA A 323 4.80 17.04 -0.43
C ALA A 323 5.43 16.33 -1.63
N TRP A 324 4.96 16.66 -2.84
CA TRP A 324 5.50 16.03 -4.05
C TRP A 324 6.86 16.59 -4.41
N ARG A 325 7.06 17.89 -4.18
CA ARG A 325 8.36 18.52 -4.35
C ARG A 325 9.39 17.79 -3.47
N ARG A 326 9.03 17.60 -2.18
CA ARG A 326 9.86 16.89 -1.20
C ARG A 326 10.16 15.47 -1.68
N PHE A 327 9.14 14.75 -2.05
CA PHE A 327 9.30 13.38 -2.55
C PHE A 327 10.35 13.35 -3.68
N CYS A 328 10.34 14.38 -4.56
CA CYS A 328 11.21 14.43 -5.72
C CYS A 328 12.57 15.05 -5.39
N GLY A 329 12.81 15.46 -4.15
CA GLY A 329 14.10 16.02 -3.77
C GLY A 329 14.23 17.46 -4.26
N LEU A 330 13.10 18.14 -4.40
CA LEU A 330 13.08 19.53 -4.80
C LEU A 330 12.72 20.40 -3.62
N PRO A 331 13.26 21.65 -3.56
CA PRO A 331 12.95 22.55 -2.46
C PRO A 331 11.45 22.87 -2.41
N GLN A 332 10.97 23.10 -1.18
CA GLN A 332 9.55 23.33 -0.91
C GLN A 332 9.30 24.79 -0.50
N PRO A 333 8.77 25.70 -1.36
CA PRO A 333 8.59 27.09 -0.96
C PRO A 333 7.51 27.21 0.11
N GLU A 334 7.76 28.07 1.13
CA GLU A 334 6.80 28.36 2.19
C GLU A 334 6.12 29.71 1.95
N THR A 335 6.85 30.69 1.39
CA THR A 335 6.34 32.05 1.26
C THR A 335 5.98 32.36 -0.20
N VAL A 336 5.26 33.46 -0.39
CA VAL A 336 4.94 33.91 -1.71
C VAL A 336 6.22 34.24 -2.47
N GLY A 337 7.20 34.83 -1.83
CA GLY A 337 8.43 35.20 -2.50
C GLY A 337 9.21 33.95 -2.91
N GLN A 338 9.24 32.92 -2.06
CA GLN A 338 9.91 31.68 -2.44
C GLN A 338 9.19 31.00 -3.59
N LEU A 339 7.85 31.03 -3.56
CA LEU A 339 7.12 30.38 -4.61
C LEU A 339 7.38 31.14 -5.91
N GLY A 340 7.52 32.47 -5.84
CA GLY A 340 7.83 33.31 -6.98
C GLY A 340 9.15 32.93 -7.64
N THR A 341 10.16 32.66 -6.79
CA THR A 341 11.46 32.20 -7.23
C THR A 341 11.36 30.82 -7.93
N VAL A 342 10.63 29.90 -7.32
CA VAL A 342 10.51 28.56 -7.87
C VAL A 342 9.76 28.58 -9.19
N LEU A 343 8.72 29.41 -9.32
CA LEU A 343 7.97 29.51 -10.57
C LEU A 343 8.55 30.54 -11.56
N ARG A 344 9.62 31.22 -11.16
CA ARG A 344 10.13 32.38 -11.89
C ARG A 344 8.99 33.29 -12.34
N ASN A 345 8.04 33.52 -11.44
CA ASN A 345 6.87 34.31 -11.75
C ASN A 345 6.15 34.67 -10.46
N LEU A 346 6.44 35.84 -9.95
CA LEU A 346 5.86 36.38 -8.72
C LEU A 346 4.35 36.56 -8.87
N LYS A 347 3.91 36.95 -10.07
CA LYS A 347 2.51 37.23 -10.27
C LYS A 347 1.70 35.93 -10.14
N LEU A 348 2.17 34.83 -10.75
CA LEU A 348 1.46 33.59 -10.59
C LEU A 348 1.51 33.08 -9.14
N ALA A 349 2.65 33.29 -8.50
CA ALA A 349 2.78 32.88 -7.12
C ALA A 349 1.73 33.60 -6.26
N ARG A 350 1.50 34.88 -6.52
CA ARG A 350 0.47 35.61 -5.80
C ARG A 350 -0.91 35.04 -6.07
N LYS A 351 -1.23 34.76 -7.32
CA LYS A 351 -2.53 34.17 -7.62
C LYS A 351 -2.70 32.84 -6.86
N LEU A 352 -1.65 32.01 -6.85
CA LEU A 352 -1.77 30.68 -6.24
C LEU A 352 -1.95 30.79 -4.72
N MET A 353 -1.26 31.77 -4.11
CA MET A 353 -1.37 31.93 -2.68
C MET A 353 -2.73 32.54 -2.29
N GLU A 354 -3.25 33.49 -3.09
CA GLU A 354 -4.61 33.98 -2.94
C GLU A 354 -5.62 32.84 -2.90
N GLN A 355 -5.48 31.82 -3.78
CA GLN A 355 -6.36 30.66 -3.81
C GLN A 355 -6.11 29.72 -2.64
N TYR A 356 -4.85 29.32 -2.40
CA TYR A 356 -4.59 28.15 -1.59
C TYR A 356 -4.10 28.50 -0.18
N GLY A 357 -3.56 29.69 0.01
CA GLY A 357 -3.10 30.11 1.33
C GLY A 357 -1.65 29.67 1.61
N THR A 358 -1.30 28.43 1.22
CA THR A 358 0.03 27.88 1.40
C THR A 358 0.35 27.00 0.19
N PRO A 359 1.62 26.99 -0.28
CA PRO A 359 2.02 26.08 -1.33
C PRO A 359 1.91 24.61 -0.92
N ASN A 360 1.77 24.35 0.39
CA ASN A 360 1.51 22.99 0.82
C ASN A 360 0.17 22.45 0.28
N ASN A 361 -0.78 23.34 0.01
CA ASN A 361 -2.12 22.93 -0.35
C ASN A 361 -2.36 22.98 -1.87
N ILE A 362 -1.39 23.45 -2.65
CA ILE A 362 -1.66 23.54 -4.07
C ILE A 362 -1.89 22.12 -4.62
N ASP A 363 -2.97 21.94 -5.40
CA ASP A 363 -3.29 20.64 -5.97
C ASP A 363 -2.21 20.26 -6.99
N ILE A 364 -1.87 18.97 -7.07
CA ILE A 364 -0.69 18.51 -7.78
C ILE A 364 -0.73 18.89 -9.27
N TRP A 365 -1.85 18.75 -9.96
CA TRP A 365 -1.89 19.15 -11.39
C TRP A 365 -1.63 20.64 -11.55
N MET A 366 -2.30 21.45 -10.72
CA MET A 366 -2.27 22.89 -10.84
C MET A 366 -0.84 23.31 -10.56
N GLY A 367 -0.23 22.75 -9.51
CA GLY A 367 1.14 23.08 -9.18
C GLY A 367 2.11 22.62 -10.26
N GLY A 368 1.94 21.37 -10.74
CA GLY A 368 2.80 20.77 -11.76
C GLY A 368 2.85 21.65 -13.01
N VAL A 369 1.67 22.03 -13.49
CA VAL A 369 1.59 22.72 -14.79
C VAL A 369 1.95 24.18 -14.66
N SER A 370 1.98 24.69 -13.43
CA SER A 370 2.38 26.06 -13.13
C SER A 370 3.89 26.25 -13.28
N GLU A 371 4.69 25.20 -13.08
CA GLU A 371 6.12 25.32 -13.03
C GLU A 371 6.68 25.71 -14.41
N PRO A 372 7.75 26.53 -14.47
CA PRO A 372 8.42 26.83 -15.74
C PRO A 372 8.96 25.59 -16.39
N LEU A 373 8.97 25.59 -17.72
CA LEU A 373 9.29 24.36 -18.45
C LEU A 373 10.80 24.13 -18.51
N LYS A 374 11.24 22.89 -18.34
CA LYS A 374 12.64 22.56 -18.53
C LYS A 374 13.02 22.84 -19.99
N ARG A 375 14.25 23.25 -20.21
CA ARG A 375 14.79 23.48 -21.53
C ARG A 375 14.50 22.28 -22.41
N LYS A 376 13.85 22.57 -23.54
CA LYS A 376 13.52 21.63 -24.59
C LYS A 376 12.56 20.55 -24.09
N GLY A 377 11.91 20.76 -22.95
CA GLY A 377 10.79 19.93 -22.56
C GLY A 377 9.50 20.73 -22.41
N ARG A 378 8.42 20.09 -21.97
CA ARG A 378 7.13 20.71 -21.86
C ARG A 378 6.53 20.44 -20.47
N VAL A 379 7.39 20.11 -19.52
CA VAL A 379 7.03 20.06 -18.12
C VAL A 379 8.16 20.70 -17.31
N GLY A 380 7.85 21.13 -16.08
CA GLY A 380 8.87 21.56 -15.15
C GLY A 380 9.42 20.43 -14.30
N PRO A 381 10.31 20.74 -13.32
CA PRO A 381 11.01 19.68 -12.62
C PRO A 381 10.11 18.74 -11.81
N LEU A 382 8.99 19.23 -11.23
CA LEU A 382 8.12 18.37 -10.47
C LEU A 382 7.52 17.29 -11.38
N LEU A 383 6.87 17.72 -12.44
CA LEU A 383 6.24 16.78 -13.37
C LEU A 383 7.29 15.93 -14.05
N ALA A 384 8.49 16.46 -14.30
CA ALA A 384 9.52 15.66 -14.93
C ALA A 384 9.93 14.51 -14.02
N CYS A 385 10.03 14.78 -12.71
CA CYS A 385 10.34 13.75 -11.74
C CYS A 385 9.24 12.66 -11.71
N ILE A 386 7.97 13.05 -11.60
CA ILE A 386 6.90 12.11 -11.44
C ILE A 386 6.73 11.25 -12.71
N ILE A 387 6.66 11.94 -13.87
CA ILE A 387 6.49 11.24 -15.14
C ILE A 387 7.70 10.39 -15.49
N GLY A 388 8.90 10.95 -15.37
CA GLY A 388 10.12 10.21 -15.65
C GLY A 388 10.29 8.96 -14.77
N THR A 389 10.06 9.08 -13.45
CA THR A 389 10.08 7.93 -12.53
C THR A 389 9.06 6.86 -12.98
N GLN A 390 7.84 7.28 -13.27
CA GLN A 390 6.83 6.33 -13.72
C GLN A 390 7.30 5.52 -14.93
N PHE A 391 7.81 6.20 -15.97
CA PHE A 391 8.16 5.51 -17.21
C PHE A 391 9.43 4.70 -17.05
N ARG A 392 10.32 5.04 -16.13
CA ARG A 392 11.46 4.22 -15.88
C ARG A 392 11.03 2.88 -15.29
N LYS A 393 10.06 2.91 -14.38
CA LYS A 393 9.57 1.68 -13.78
C LYS A 393 8.82 0.83 -14.80
N LEU A 394 8.10 1.45 -15.74
CA LEU A 394 7.34 0.71 -16.72
C LEU A 394 8.29 0.00 -17.68
N ARG A 395 9.51 0.55 -17.85
CA ARG A 395 10.49 -0.03 -18.74
C ARG A 395 11.31 -1.12 -18.04
N ASP A 396 11.90 -0.76 -16.90
CA ASP A 396 12.83 -1.65 -16.20
C ASP A 396 12.07 -2.80 -15.53
N GLY A 397 10.77 -2.58 -15.23
CA GLY A 397 9.97 -3.62 -14.59
C GLY A 397 9.08 -4.41 -15.57
N ASP A 398 9.39 -4.36 -16.88
CA ASP A 398 8.57 -5.03 -17.88
C ASP A 398 9.35 -6.20 -18.47
N ARG A 399 8.92 -7.41 -18.12
CA ARG A 399 9.61 -8.61 -18.54
C ARG A 399 9.61 -8.71 -20.07
N PHE A 400 8.63 -8.09 -20.73
CA PHE A 400 8.51 -8.16 -22.19
C PHE A 400 8.95 -6.85 -22.85
N TRP A 401 9.72 -6.01 -22.15
CA TRP A 401 10.31 -4.87 -22.83
C TRP A 401 11.06 -5.33 -24.08
N TRP A 402 10.91 -4.59 -25.16
CA TRP A 402 11.35 -4.99 -26.49
C TRP A 402 12.86 -5.24 -26.53
N GLU A 403 13.67 -4.56 -25.70
CA GLU A 403 15.13 -4.78 -25.70
C GLU A 403 15.54 -5.86 -24.68
N ASN A 404 14.62 -6.44 -23.93
CA ASN A 404 15.03 -7.41 -22.92
C ASN A 404 15.50 -8.67 -23.64
N GLU A 405 16.64 -9.18 -23.22
CA GLU A 405 17.15 -10.42 -23.80
C GLU A 405 16.06 -11.50 -23.81
N GLY A 406 15.88 -12.11 -25.00
CA GLY A 406 14.98 -13.24 -25.17
C GLY A 406 13.61 -12.82 -25.67
N VAL A 407 13.27 -11.52 -25.65
CA VAL A 407 11.98 -11.13 -26.20
C VAL A 407 12.01 -11.12 -27.73
N PHE A 408 13.00 -10.46 -28.34
CA PHE A 408 13.21 -10.49 -29.78
C PHE A 408 14.64 -10.95 -30.05
N SER A 409 14.90 -11.50 -31.23
CA SER A 409 16.26 -11.81 -31.65
C SER A 409 16.98 -10.49 -31.92
N MET A 410 18.30 -10.58 -32.09
CA MET A 410 19.09 -9.41 -32.41
C MET A 410 18.66 -8.86 -33.77
N GLN A 411 18.44 -9.75 -34.74
CA GLN A 411 18.03 -9.33 -36.07
C GLN A 411 16.68 -8.62 -35.99
N GLN A 412 15.76 -9.14 -35.17
CA GLN A 412 14.44 -8.51 -35.06
C GLN A 412 14.59 -7.12 -34.42
N ARG A 413 15.45 -7.01 -33.40
CA ARG A 413 15.63 -5.71 -32.77
C ARG A 413 16.19 -4.69 -33.75
N GLN A 414 17.07 -5.16 -34.66
CA GLN A 414 17.68 -4.27 -35.64
C GLN A 414 16.61 -3.76 -36.59
N ALA A 415 15.68 -4.63 -36.98
CA ALA A 415 14.57 -4.24 -37.86
C ALA A 415 13.62 -3.27 -37.13
N LEU A 416 13.23 -3.57 -35.90
CA LEU A 416 12.36 -2.69 -35.13
C LEU A 416 12.92 -1.28 -34.97
N ALA A 417 14.25 -1.16 -34.88
CA ALA A 417 14.87 0.15 -34.70
C ALA A 417 14.59 1.06 -35.90
N GLN A 418 14.09 0.51 -37.00
CA GLN A 418 13.85 1.32 -38.19
C GLN A 418 12.42 1.90 -38.21
N ILE A 419 11.56 1.51 -37.27
CA ILE A 419 10.15 1.89 -37.35
C ILE A 419 10.00 3.38 -36.98
N SER A 420 8.95 4.02 -37.47
CA SER A 420 8.62 5.35 -37.01
C SER A 420 7.13 5.61 -37.22
N LEU A 421 6.59 6.60 -36.51
CA LEU A 421 5.16 6.87 -36.67
C LEU A 421 4.82 7.40 -38.07
N PRO A 422 5.62 8.28 -38.71
CA PRO A 422 5.41 8.65 -40.12
C PRO A 422 5.30 7.48 -41.09
N ARG A 423 6.13 6.49 -40.92
CA ARG A 423 6.06 5.32 -41.78
C ARG A 423 4.75 4.53 -41.57
N ILE A 424 4.34 4.41 -40.31
CA ILE A 424 3.10 3.73 -39.99
C ILE A 424 1.93 4.42 -40.67
N ILE A 425 1.99 5.77 -40.73
CA ILE A 425 0.92 6.50 -41.41
C ILE A 425 0.92 6.21 -42.91
N CYS A 426 2.12 6.24 -43.51
CA CYS A 426 2.28 5.97 -44.93
C CYS A 426 1.70 4.60 -45.30
N ASP A 427 1.94 3.58 -44.44
CA ASP A 427 1.59 2.20 -44.76
C ASP A 427 0.07 1.97 -44.61
N ASN A 428 -0.66 2.79 -43.86
CA ASN A 428 -2.02 2.43 -43.51
C ASN A 428 -3.07 3.49 -43.90
N THR A 429 -2.69 4.51 -44.68
CA THR A 429 -3.65 5.54 -45.05
C THR A 429 -3.49 5.93 -46.52
N GLY A 430 -4.30 6.87 -47.00
CA GLY A 430 -4.10 7.44 -48.31
C GLY A 430 -3.10 8.62 -48.34
N ILE A 431 -2.44 8.92 -47.22
CA ILE A 431 -1.45 9.98 -47.14
C ILE A 431 -0.13 9.56 -47.82
N THR A 432 0.43 10.43 -48.68
CA THR A 432 1.70 10.10 -49.32
C THR A 432 2.79 11.10 -48.96
N THR A 433 2.42 12.14 -48.20
CA THR A 433 3.40 13.10 -47.75
C THR A 433 3.24 13.23 -46.23
N VAL A 434 4.34 13.05 -45.48
CA VAL A 434 4.24 13.01 -44.01
C VAL A 434 5.35 13.84 -43.36
N SER A 435 5.20 14.08 -42.06
CA SER A 435 6.21 14.76 -41.22
C SER A 435 7.55 14.05 -41.32
N LYS A 436 8.60 14.86 -41.37
CA LYS A 436 9.95 14.34 -41.16
C LYS A 436 10.17 14.08 -39.66
N ASN A 437 11.01 13.08 -39.35
CA ASN A 437 11.33 12.76 -37.97
C ASN A 437 11.98 14.01 -37.39
N ASN A 438 11.67 14.42 -36.16
CA ASN A 438 10.76 13.76 -35.22
C ASN A 438 9.37 14.31 -35.44
N ILE A 439 8.41 13.39 -35.59
CA ILE A 439 7.04 13.76 -35.88
C ILE A 439 6.45 14.70 -34.83
N PHE A 440 6.93 14.60 -33.59
CA PHE A 440 6.37 15.34 -32.47
C PHE A 440 6.85 16.78 -32.47
N MET A 441 7.89 17.07 -33.25
CA MET A 441 8.47 18.37 -33.31
C MET A 441 8.09 19.04 -34.65
N SER A 442 8.29 18.29 -35.77
CA SER A 442 7.89 18.74 -37.10
C SER A 442 6.43 19.21 -37.06
N ASN A 443 6.10 20.42 -37.55
CA ASN A 443 4.70 20.86 -37.46
C ASN A 443 4.25 21.81 -38.58
N SER A 444 5.10 22.09 -39.58
CA SER A 444 4.81 23.12 -40.55
C SER A 444 5.00 22.57 -41.96
N TYR A 445 3.91 22.61 -42.74
CA TYR A 445 3.91 22.14 -44.10
C TYR A 445 4.14 23.33 -45.04
N PRO A 446 5.00 23.25 -46.10
CA PRO A 446 5.72 22.03 -46.47
C PRO A 446 7.10 21.84 -45.86
N ARG A 447 7.65 22.88 -45.21
CA ARG A 447 9.01 22.87 -44.69
C ARG A 447 9.36 21.54 -43.99
N ASP A 448 8.49 21.00 -43.15
CA ASP A 448 8.87 19.88 -42.33
C ASP A 448 8.39 18.54 -42.89
N PHE A 449 8.12 18.42 -44.20
CA PHE A 449 7.47 17.23 -44.72
C PHE A 449 8.30 16.55 -45.81
N VAL A 450 8.05 15.24 -46.01
CA VAL A 450 8.76 14.43 -46.99
C VAL A 450 7.77 13.47 -47.65
N ASN A 451 8.14 12.93 -48.82
CA ASN A 451 7.39 11.86 -49.44
C ASN A 451 7.61 10.55 -48.66
N CYS A 452 6.54 9.76 -48.59
CA CYS A 452 6.54 8.43 -47.99
C CYS A 452 7.59 7.51 -48.62
N SER A 453 7.87 7.67 -49.90
CA SER A 453 8.81 6.81 -50.59
C SER A 453 10.26 6.98 -50.11
N THR A 454 10.56 8.02 -49.33
CA THR A 454 11.91 8.22 -48.78
C THR A 454 12.08 7.46 -47.47
N LEU A 455 10.95 6.97 -46.92
CA LEU A 455 10.99 6.29 -45.64
C LEU A 455 11.14 4.79 -45.87
N PRO A 456 12.07 4.11 -45.17
CA PRO A 456 12.21 2.65 -45.28
C PRO A 456 11.07 1.89 -44.56
N ALA A 457 10.58 0.80 -45.14
CA ALA A 457 9.52 0.02 -44.51
C ALA A 457 10.13 -0.96 -43.50
N LEU A 458 9.33 -1.41 -42.55
CA LEU A 458 9.75 -2.40 -41.56
C LEU A 458 9.99 -3.74 -42.28
N ASN A 459 11.20 -4.29 -42.16
CA ASN A 459 11.52 -5.54 -42.82
C ASN A 459 11.31 -6.71 -41.87
N LEU A 460 10.40 -7.63 -42.22
CA LEU A 460 9.99 -8.74 -41.34
C LEU A 460 10.73 -10.02 -41.67
N ALA A 461 11.81 -9.94 -42.41
CA ALA A 461 12.46 -11.15 -42.92
C ALA A 461 12.95 -12.03 -41.78
N SER A 462 13.40 -11.44 -40.65
CA SER A 462 13.89 -12.22 -39.52
C SER A 462 12.77 -12.86 -38.68
N TRP A 463 11.49 -12.66 -39.06
CA TRP A 463 10.39 -13.39 -38.46
C TRP A 463 10.09 -14.70 -39.19
N ARG A 464 10.75 -14.96 -40.33
CA ARG A 464 10.49 -16.18 -41.08
C ARG A 464 10.87 -17.41 -40.25
N GLU A 465 9.96 -18.36 -40.08
CA GLU A 465 10.26 -19.65 -39.47
C GLU A 465 10.34 -20.75 -40.53
N ALA A 466 11.28 -21.68 -40.32
CA ALA A 466 11.47 -22.91 -41.08
C ALA A 466 10.37 -23.13 -42.14
N VAL B 1 -12.61 -26.48 10.82
CA VAL B 1 -13.28 -25.15 10.92
C VAL B 1 -12.83 -24.53 12.25
N ASN B 2 -12.77 -25.33 13.34
CA ASN B 2 -12.03 -24.91 14.54
C ASN B 2 -10.54 -25.26 14.35
N CYS B 3 -9.73 -24.22 14.14
CA CYS B 3 -8.32 -24.41 13.81
C CYS B 3 -7.57 -25.07 14.98
N GLU B 4 -8.06 -24.88 16.21
CA GLU B 4 -7.45 -25.38 17.44
C GLU B 4 -7.50 -26.92 17.48
N THR B 5 -8.49 -27.53 16.81
CA THR B 5 -8.77 -28.95 17.01
C THR B 5 -8.77 -29.72 15.69
N SER B 6 -8.97 -29.05 14.56
CA SER B 6 -9.06 -29.76 13.29
C SER B 6 -7.74 -29.56 12.53
N CYS B 7 -7.43 -30.48 11.62
CA CYS B 7 -6.27 -30.40 10.75
C CYS B 7 -6.75 -30.15 9.31
N VAL B 8 -8.02 -29.82 9.12
CA VAL B 8 -8.54 -29.49 7.80
C VAL B 8 -8.07 -28.08 7.46
N GLN B 9 -7.64 -27.92 6.21
CA GLN B 9 -7.23 -26.65 5.70
C GLN B 9 -8.44 -25.99 5.06
N GLN B 10 -9.11 -25.15 5.81
CA GLN B 10 -10.21 -24.36 5.30
C GLN B 10 -10.17 -22.99 5.98
N PRO B 11 -10.49 -21.88 5.29
CA PRO B 11 -10.32 -20.60 5.93
C PRO B 11 -11.11 -20.55 7.22
N PRO B 12 -10.59 -19.99 8.33
CA PRO B 12 -9.31 -19.26 8.34
C PRO B 12 -8.09 -20.04 8.80
N CYS B 13 -8.16 -21.37 8.75
CA CYS B 13 -7.09 -22.23 9.23
C CYS B 13 -6.05 -22.49 8.14
N PHE B 14 -4.77 -22.38 8.50
CA PHE B 14 -3.67 -22.76 7.63
C PHE B 14 -2.72 -23.68 8.43
N PRO B 15 -3.17 -24.89 8.83
CA PRO B 15 -2.42 -25.74 9.76
C PRO B 15 -1.04 -26.15 9.23
N LEU B 16 -0.02 -26.19 10.11
CA LEU B 16 1.29 -26.63 9.68
C LEU B 16 1.26 -28.17 9.55
N LYS B 17 1.64 -28.67 8.38
CA LYS B 17 1.70 -30.12 8.15
C LYS B 17 3.02 -30.70 8.68
N ILE B 18 3.02 -32.03 8.84
CA ILE B 18 4.03 -32.73 9.61
C ILE B 18 4.89 -33.52 8.65
N PRO B 19 6.24 -33.40 8.73
CA PRO B 19 7.09 -34.20 7.88
C PRO B 19 7.22 -35.63 8.40
N PRO B 20 7.70 -36.60 7.59
CA PRO B 20 7.99 -37.95 8.10
C PRO B 20 9.17 -37.86 9.08
N ASN B 21 9.40 -38.79 9.98
CA ASN B 21 10.60 -38.67 10.83
C ASN B 21 10.60 -37.38 11.66
N ASP B 22 9.44 -36.86 12.00
CA ASP B 22 9.40 -35.75 12.93
C ASP B 22 9.89 -36.30 14.26
N PRO B 23 10.73 -35.57 15.03
CA PRO B 23 11.23 -36.10 16.29
C PRO B 23 10.16 -36.22 17.39
N ARG B 24 9.00 -35.58 17.22
CA ARG B 24 7.99 -35.50 18.25
C ARG B 24 6.66 -36.05 17.76
N ILE B 25 6.23 -35.66 16.56
CA ILE B 25 4.87 -35.94 16.13
C ILE B 25 4.91 -37.06 15.09
N LYS B 26 4.62 -38.28 15.53
CA LYS B 26 4.83 -39.49 14.74
C LYS B 26 3.82 -39.58 13.61
N ASN B 27 2.60 -39.14 13.96
CA ASN B 27 1.42 -39.18 13.13
C ASN B 27 1.32 -38.02 12.13
N GLN B 28 1.51 -38.32 10.84
CA GLN B 28 1.48 -37.33 9.79
C GLN B 28 0.07 -36.85 9.48
N ALA B 29 -0.98 -37.51 10.00
CA ALA B 29 -2.31 -36.95 9.85
C ALA B 29 -2.59 -35.80 10.83
N ASP B 30 -1.74 -35.63 11.86
CA ASP B 30 -1.83 -34.53 12.82
C ASP B 30 -1.28 -33.23 12.19
N CYS B 31 -1.19 -32.18 13.00
CA CYS B 31 -0.75 -30.88 12.51
C CYS B 31 -0.52 -29.96 13.69
N ILE B 32 0.18 -28.86 13.41
CA ILE B 32 0.33 -27.76 14.37
C ILE B 32 -0.69 -26.68 14.01
N PRO B 33 -1.62 -26.36 14.94
CA PRO B 33 -2.70 -25.39 14.68
C PRO B 33 -2.20 -24.01 14.25
N PHE B 34 -2.97 -23.38 13.36
CA PHE B 34 -2.60 -22.05 12.85
C PHE B 34 -3.80 -21.35 12.23
N PHE B 35 -4.08 -20.15 12.74
CA PHE B 35 -5.10 -19.24 12.22
C PHE B 35 -4.43 -18.15 11.42
N ARG B 36 -4.87 -17.93 10.18
CA ARG B 36 -4.39 -16.84 9.34
C ARG B 36 -4.73 -15.47 9.95
N SER B 37 -3.79 -14.54 9.88
CA SER B 37 -4.01 -13.19 10.39
C SER B 37 -5.22 -12.57 9.66
N PRO B 39 -7.51 -10.33 7.48
CA PRO B 39 -7.30 -9.42 6.36
C PRO B 39 -7.89 -8.01 6.57
N ALA B 40 -7.19 -6.98 6.11
CA ALA B 40 -7.65 -5.59 6.22
C ALA B 40 -8.94 -5.38 5.42
N CYS B 41 -9.03 -6.08 4.28
CA CYS B 41 -10.20 -6.03 3.40
C CYS B 41 -10.76 -7.44 3.18
N PRO B 42 -11.56 -7.95 4.13
CA PRO B 42 -12.09 -9.31 4.06
C PRO B 42 -12.92 -9.62 2.81
N GLY B 43 -12.60 -10.71 2.13
CA GLY B 43 -13.44 -11.24 1.08
C GLY B 43 -13.06 -10.72 -0.31
N SER B 44 -12.14 -9.74 -0.40
CA SER B 44 -11.89 -9.00 -1.63
C SER B 44 -11.19 -9.93 -2.61
N ASN B 45 -11.54 -9.82 -3.88
CA ASN B 45 -10.74 -10.48 -4.90
C ASN B 45 -9.95 -9.44 -5.72
N ILE B 46 -10.14 -8.13 -5.44
CA ILE B 46 -9.37 -7.03 -6.02
C ILE B 46 -8.10 -6.70 -5.23
N THR B 47 -8.21 -6.48 -3.90
CA THR B 47 -7.08 -6.00 -3.10
C THR B 47 -6.04 -7.10 -2.94
N ILE B 48 -4.80 -6.67 -2.70
CA ILE B 48 -3.74 -7.60 -2.32
C ILE B 48 -3.82 -7.75 -0.80
N ARG B 49 -4.01 -8.98 -0.32
CA ARG B 49 -4.24 -9.19 1.10
C ARG B 49 -3.12 -8.56 1.94
N ASN B 50 -3.55 -7.83 2.95
CA ASN B 50 -2.67 -7.27 3.95
C ASN B 50 -3.28 -7.53 5.34
N GLN B 51 -2.44 -7.43 6.36
CA GLN B 51 -2.85 -7.63 7.74
C GLN B 51 -2.93 -6.31 8.53
N ILE B 52 -3.34 -6.43 9.80
CA ILE B 52 -3.72 -5.30 10.64
C ILE B 52 -2.79 -5.21 11.84
N ASN B 53 -2.41 -3.96 12.18
CA ASN B 53 -1.80 -3.67 13.45
C ASN B 53 -2.87 -3.12 14.40
N ALA B 54 -3.08 -3.83 15.53
CA ALA B 54 -4.10 -3.43 16.47
C ALA B 54 -3.54 -2.40 17.48
N LEU B 55 -2.21 -2.10 17.45
CA LEU B 55 -1.61 -1.16 18.38
C LEU B 55 -1.15 0.14 17.70
N THR B 56 -0.83 1.13 18.54
CA THR B 56 -0.12 2.32 18.09
C THR B 56 1.30 1.90 17.73
N SER B 57 1.80 2.32 16.54
CA SER B 57 3.16 2.01 16.16
C SER B 57 4.16 2.71 17.08
N PHE B 58 3.76 3.88 17.63
CA PHE B 58 4.69 4.73 18.34
C PHE B 58 5.20 4.01 19.58
N VAL B 59 6.43 4.33 19.98
CA VAL B 59 6.94 3.91 21.28
C VAL B 59 6.36 4.87 22.33
N ASP B 60 5.14 4.56 22.81
CA ASP B 60 4.30 5.45 23.62
C ASP B 60 3.73 4.73 24.86
N ALA B 61 4.29 3.55 25.15
CA ALA B 61 3.89 2.72 26.29
C ALA B 61 2.44 2.34 26.17
N SER B 62 2.00 2.04 24.93
CA SER B 62 0.63 1.65 24.68
C SER B 62 0.37 0.26 25.29
N MET B 63 1.45 -0.48 25.58
CA MET B 63 1.30 -1.77 26.24
C MET B 63 0.94 -1.60 27.71
N VAL B 64 1.14 -0.36 28.23
CA VAL B 64 0.65 -0.02 29.57
C VAL B 64 -0.76 0.57 29.52
N TYR B 65 -1.00 1.50 28.57
CA TYR B 65 -2.16 2.39 28.62
C TYR B 65 -3.26 1.93 27.69
N GLY B 66 -2.95 0.98 26.79
CA GLY B 66 -3.85 0.58 25.71
C GLY B 66 -3.80 1.49 24.46
N SER B 67 -4.41 0.98 23.38
CA SER B 67 -4.39 1.54 22.05
C SER B 67 -5.80 1.83 21.54
N GLU B 68 -6.81 1.70 22.43
CA GLU B 68 -8.22 1.94 22.14
C GLU B 68 -8.87 2.56 23.36
N GLU B 69 -9.88 3.42 23.15
CA GLU B 69 -10.33 4.34 24.19
C GLU B 69 -11.09 3.61 25.29
N PRO B 70 -11.99 2.63 24.97
CA PRO B 70 -12.66 1.87 26.02
C PRO B 70 -11.67 1.20 26.98
N LEU B 71 -10.71 0.44 26.44
CA LEU B 71 -9.70 -0.19 27.24
C LEU B 71 -8.91 0.84 28.05
N ALA B 72 -8.52 1.96 27.43
CA ALA B 72 -7.70 2.92 28.17
C ALA B 72 -8.42 3.44 29.41
N ARG B 73 -9.75 3.60 29.34
CA ARG B 73 -10.58 4.05 30.46
C ARG B 73 -10.74 2.94 31.51
N ASN B 74 -10.89 1.68 31.04
CA ASN B 74 -10.99 0.51 31.90
C ASN B 74 -9.71 0.27 32.71
N LEU B 75 -8.54 0.62 32.17
CA LEU B 75 -7.30 0.48 32.91
C LEU B 75 -7.14 1.56 34.00
N ARG B 76 -7.98 2.60 33.98
CA ARG B 76 -7.78 3.70 34.90
C ARG B 76 -8.60 3.50 36.18
N ASN B 77 -8.09 4.11 37.24
CA ASN B 77 -8.78 4.18 38.53
C ASN B 77 -9.71 5.39 38.46
N MET B 78 -11.03 5.11 38.33
CA MET B 78 -12.01 6.17 38.14
C MET B 78 -12.73 6.57 39.44
N SER B 79 -12.27 6.06 40.59
CA SER B 79 -12.91 6.30 41.88
C SER B 79 -12.28 7.49 42.61
N ASN B 80 -11.29 8.14 42.03
CA ASN B 80 -10.75 9.35 42.64
C ASN B 80 -10.16 10.20 41.52
N GLN B 81 -9.63 11.39 41.87
CA GLN B 81 -9.00 12.30 40.95
C GLN B 81 -7.47 12.25 41.08
N LEU B 82 -6.89 11.07 41.33
CA LEU B 82 -5.47 10.97 41.59
C LEU B 82 -4.71 10.54 40.32
N GLY B 83 -5.43 10.27 39.23
CA GLY B 83 -4.81 10.04 37.93
C GLY B 83 -4.14 8.66 37.81
N LEU B 84 -4.62 7.69 38.60
CA LEU B 84 -3.92 6.42 38.77
C LEU B 84 -4.44 5.39 37.77
N LEU B 85 -3.62 4.38 37.53
CA LEU B 85 -4.04 3.16 36.86
C LEU B 85 -4.62 2.26 37.93
N ALA B 86 -5.68 1.53 37.57
CA ALA B 86 -6.31 0.52 38.41
C ALA B 86 -5.31 -0.57 38.81
N VAL B 87 -5.46 -1.09 40.02
CA VAL B 87 -4.60 -2.13 40.57
C VAL B 87 -5.49 -3.29 41.03
N ASN B 88 -4.90 -4.49 41.05
CA ASN B 88 -5.61 -5.69 41.48
C ASN B 88 -6.25 -5.42 42.83
N GLN B 89 -7.48 -5.91 43.02
CA GLN B 89 -8.25 -5.62 44.22
C GLN B 89 -8.33 -6.81 45.16
N ARG B 90 -7.71 -7.94 44.81
CA ARG B 90 -7.82 -9.16 45.59
C ARG B 90 -6.45 -9.52 46.17
N PHE B 91 -5.36 -9.14 45.49
CA PHE B 91 -4.01 -9.58 45.86
C PHE B 91 -3.03 -8.41 45.72
N GLN B 92 -2.03 -8.41 46.62
CA GLN B 92 -0.88 -7.53 46.46
C GLN B 92 0.42 -8.31 46.68
N ASP B 93 1.56 -7.69 46.29
CA ASP B 93 2.88 -8.32 46.27
C ASP B 93 3.73 -7.63 47.34
N ASN B 94 3.74 -8.24 48.52
CA ASN B 94 4.36 -7.64 49.69
C ASN B 94 3.93 -6.19 49.75
N GLY B 95 2.63 -5.93 49.69
CA GLY B 95 2.10 -4.60 49.88
C GLY B 95 2.24 -3.70 48.66
N ARG B 96 2.74 -4.20 47.53
CA ARG B 96 2.82 -3.38 46.32
C ARG B 96 1.83 -3.87 45.27
N ALA B 97 1.50 -2.98 44.32
CA ALA B 97 0.38 -3.22 43.40
C ALA B 97 0.65 -4.37 42.44
N LEU B 98 -0.43 -5.10 42.10
CA LEU B 98 -0.40 -6.06 41.00
C LEU B 98 -1.35 -5.59 39.90
N LEU B 99 -1.14 -6.10 38.68
CA LEU B 99 -2.05 -5.82 37.60
C LEU B 99 -3.44 -6.28 37.99
N PRO B 100 -4.49 -5.56 37.56
CA PRO B 100 -5.85 -6.07 37.70
C PRO B 100 -6.07 -7.33 36.87
N PHE B 101 -7.13 -8.06 37.19
CA PHE B 101 -7.45 -9.29 36.48
C PHE B 101 -8.40 -8.93 35.35
N ASP B 102 -8.18 -9.62 34.26
CA ASP B 102 -9.02 -9.58 33.08
C ASP B 102 -10.15 -10.59 33.28
N ASN B 103 -11.16 -10.49 32.42
CA ASN B 103 -12.34 -11.33 32.39
C ASN B 103 -12.50 -11.89 30.96
N LEU B 104 -11.78 -12.98 30.64
CA LEU B 104 -11.81 -13.55 29.30
C LEU B 104 -12.83 -14.68 29.22
N HIS B 105 -13.31 -14.96 28.00
CA HIS B 105 -14.29 -16.03 27.78
C HIS B 105 -13.65 -17.40 27.98
N ASP B 106 -12.47 -17.64 27.40
CA ASP B 106 -11.77 -18.90 27.62
C ASP B 106 -10.39 -18.58 28.15
N ASP B 107 -10.25 -18.49 29.47
CA ASP B 107 -9.08 -17.89 30.05
C ASP B 107 -7.97 -18.93 30.08
N PRO B 108 -6.87 -18.80 29.30
CA PRO B 108 -5.82 -19.81 29.30
C PRO B 108 -4.98 -19.89 30.58
N CYS B 109 -4.89 -18.77 31.32
CA CYS B 109 -4.17 -18.76 32.58
C CYS B 109 -4.80 -19.70 33.59
N LEU B 110 -6.14 -19.86 33.56
CA LEU B 110 -6.82 -20.75 34.47
C LEU B 110 -6.42 -22.21 34.24
N LEU B 111 -6.04 -22.54 33.00
CA LEU B 111 -5.75 -23.91 32.62
C LEU B 111 -4.33 -24.33 32.99
N THR B 112 -3.44 -23.40 33.38
CA THR B 112 -2.08 -23.77 33.76
C THR B 112 -2.11 -24.58 35.07
N ASN B 113 -2.53 -23.95 36.17
CA ASN B 113 -2.68 -24.61 37.48
C ASN B 113 -4.15 -24.45 37.91
N ARG B 114 -4.94 -25.53 37.80
CA ARG B 114 -6.38 -25.41 37.95
C ARG B 114 -6.77 -25.08 39.39
N SER B 115 -6.17 -25.69 40.40
CA SER B 115 -6.63 -25.47 41.76
C SER B 115 -6.45 -24.00 42.17
N ALA B 116 -5.41 -23.32 41.66
CA ALA B 116 -5.09 -21.96 42.10
C ALA B 116 -6.09 -20.93 41.56
N ARG B 117 -6.62 -21.17 40.34
CA ARG B 117 -7.71 -20.40 39.76
C ARG B 117 -7.33 -18.93 39.69
N ILE B 118 -6.13 -18.64 39.20
CA ILE B 118 -5.70 -17.26 39.04
C ILE B 118 -5.82 -16.90 37.55
N PRO B 119 -6.74 -15.98 37.20
CA PRO B 119 -6.98 -15.66 35.79
C PRO B 119 -5.87 -14.81 35.20
N CYS B 120 -5.96 -14.54 33.90
CA CYS B 120 -5.02 -13.66 33.24
C CYS B 120 -5.22 -12.23 33.70
N PHE B 121 -4.15 -11.44 33.49
CA PHE B 121 -4.11 -10.07 33.95
C PHE B 121 -4.66 -9.18 32.85
N LEU B 122 -5.05 -7.95 33.24
CA LEU B 122 -5.51 -6.91 32.34
C LEU B 122 -4.44 -5.83 32.19
N ALA B 123 -4.03 -5.57 30.95
CA ALA B 123 -3.05 -4.55 30.68
C ALA B 123 -3.35 -3.89 29.34
N GLY B 124 -2.47 -2.99 28.96
CA GLY B 124 -2.61 -2.22 27.73
C GLY B 124 -2.57 -3.12 26.51
N ASP B 125 -1.84 -4.23 26.64
CA ASP B 125 -1.72 -5.22 25.57
C ASP B 125 -2.19 -6.56 26.12
N THR B 126 -2.81 -7.38 25.26
CA THR B 126 -3.50 -8.61 25.65
C THR B 126 -2.54 -9.75 26.01
N ARG B 127 -1.24 -9.59 25.82
CA ARG B 127 -0.33 -10.72 25.93
C ARG B 127 0.44 -10.67 27.25
N SER B 128 0.01 -9.81 28.18
CA SER B 128 0.78 -9.49 29.39
C SER B 128 1.03 -10.71 30.31
N SER B 129 0.22 -11.77 30.20
CA SER B 129 0.35 -12.98 30.99
C SER B 129 1.22 -14.06 30.32
N GLU B 130 1.75 -13.85 29.10
CA GLU B 130 2.26 -14.95 28.29
C GLU B 130 3.43 -15.67 28.97
N MET B 131 4.28 -14.93 29.68
CA MET B 131 5.35 -15.45 30.52
C MET B 131 5.45 -14.47 31.71
N PRO B 132 5.70 -14.98 32.93
CA PRO B 132 5.71 -14.14 34.14
C PRO B 132 6.76 -13.04 34.15
N GLU B 133 7.83 -13.27 33.38
CA GLU B 133 8.87 -12.26 33.21
C GLU B 133 8.29 -11.04 32.50
N LEU B 134 7.48 -11.26 31.48
CA LEU B 134 6.76 -10.20 30.81
C LEU B 134 5.78 -9.53 31.77
N THR B 135 5.01 -10.34 32.50
CA THR B 135 4.08 -9.80 33.49
C THR B 135 4.79 -8.83 34.47
N SER B 136 6.01 -9.18 34.87
CA SER B 136 6.74 -8.41 35.87
C SER B 136 7.12 -7.01 35.34
N MET B 137 7.50 -6.95 34.06
CA MET B 137 7.81 -5.71 33.38
C MET B 137 6.57 -4.83 33.29
N HIS B 138 5.44 -5.46 32.95
CA HIS B 138 4.16 -4.76 32.88
C HIS B 138 3.79 -4.18 34.25
N THR B 139 4.02 -4.99 35.29
CA THR B 139 3.65 -4.63 36.65
C THR B 139 4.56 -3.50 37.13
N LEU B 140 5.85 -3.58 36.80
CA LEU B 140 6.78 -2.55 37.15
C LEU B 140 6.36 -1.19 36.56
N LEU B 141 5.97 -1.18 35.28
CA LEU B 141 5.56 0.09 34.64
C LEU B 141 4.24 0.64 35.21
N LEU B 142 3.27 -0.21 35.53
CA LEU B 142 2.07 0.20 36.24
C LEU B 142 2.42 0.95 37.54
N ARG B 143 3.26 0.33 38.37
CA ARG B 143 3.66 0.93 39.62
C ARG B 143 4.36 2.28 39.39
N GLU B 144 5.24 2.35 38.37
CA GLU B 144 5.96 3.58 38.10
C GLU B 144 5.00 4.71 37.70
N HIS B 145 3.95 4.37 36.93
CA HIS B 145 2.90 5.33 36.65
C HIS B 145 2.31 5.90 37.96
N ASN B 146 1.87 5.00 38.84
CA ASN B 146 1.21 5.43 40.07
C ASN B 146 2.15 6.26 40.94
N ARG B 147 3.45 5.92 40.93
CA ARG B 147 4.45 6.62 41.73
C ARG B 147 4.60 8.06 41.24
N LEU B 148 4.70 8.19 39.91
CA LEU B 148 4.84 9.48 39.29
C LEU B 148 3.61 10.34 39.56
N ALA B 149 2.42 9.78 39.35
CA ALA B 149 1.20 10.52 39.61
C ALA B 149 1.14 10.98 41.09
N THR B 150 1.55 10.08 42.00
CA THR B 150 1.51 10.40 43.41
C THR B 150 2.40 11.61 43.68
N GLU B 151 3.62 11.58 43.13
CA GLU B 151 4.58 12.64 43.36
C GLU B 151 4.10 13.94 42.71
N LEU B 152 3.53 13.85 41.50
CA LEU B 152 3.07 15.04 40.80
C LEU B 152 1.92 15.71 41.54
N LYS B 153 1.06 14.90 42.19
CA LYS B 153 -0.09 15.42 42.93
C LYS B 153 0.39 16.22 44.13
N SER B 154 1.33 15.62 44.86
CA SER B 154 2.03 16.29 45.93
C SER B 154 2.65 17.60 45.43
N LEU B 155 3.32 17.58 44.28
CA LEU B 155 3.99 18.77 43.76
C LEU B 155 3.02 19.81 43.21
N ASN B 156 1.91 19.37 42.58
CA ASN B 156 0.95 20.24 41.94
C ASN B 156 -0.43 19.90 42.47
N PRO B 157 -0.79 20.41 43.67
CA PRO B 157 -2.00 19.96 44.34
C PRO B 157 -3.28 20.28 43.57
N ARG B 158 -3.29 21.30 42.71
CA ARG B 158 -4.50 21.68 42.02
C ARG B 158 -4.79 20.78 40.82
N TRP B 159 -3.82 19.99 40.36
CA TRP B 159 -4.05 19.15 39.20
C TRP B 159 -5.14 18.11 39.48
N ASP B 160 -6.07 17.99 38.51
CA ASP B 160 -7.13 16.98 38.50
C ASP B 160 -6.58 15.65 37.97
N GLY B 161 -7.41 14.61 38.04
CA GLY B 161 -6.99 13.26 37.68
C GLY B 161 -6.50 13.15 36.24
N GLU B 162 -7.21 13.82 35.33
CA GLU B 162 -6.91 13.73 33.92
C GLU B 162 -5.49 14.26 33.73
N ARG B 163 -5.22 15.43 34.32
CA ARG B 163 -3.92 16.08 34.19
C ARG B 163 -2.78 15.19 34.73
N LEU B 164 -2.98 14.66 35.94
CA LEU B 164 -2.04 13.77 36.60
C LEU B 164 -1.75 12.54 35.73
N TYR B 165 -2.80 11.88 35.27
CA TYR B 165 -2.69 10.70 34.42
C TYR B 165 -1.91 11.05 33.16
N GLN B 166 -2.25 12.17 32.49
CA GLN B 166 -1.62 12.49 31.22
C GLN B 166 -0.13 12.77 31.44
N GLU B 167 0.18 13.48 32.53
CA GLU B 167 1.56 13.91 32.78
C GLU B 167 2.44 12.71 33.13
N ALA B 168 1.94 11.80 33.96
CA ALA B 168 2.65 10.58 34.29
C ALA B 168 2.81 9.70 33.05
N ARG B 169 1.72 9.53 32.29
CA ARG B 169 1.74 8.76 31.05
C ARG B 169 2.83 9.23 30.10
N LYS B 170 2.96 10.55 30.00
CA LYS B 170 3.94 11.17 29.12
C LYS B 170 5.38 10.86 29.57
N ILE B 171 5.58 10.86 30.90
CA ILE B 171 6.86 10.53 31.49
C ILE B 171 7.17 9.06 31.24
N VAL B 172 6.18 8.17 31.45
CA VAL B 172 6.43 6.74 31.23
C VAL B 172 6.78 6.45 29.74
N GLY B 173 6.06 7.10 28.83
CA GLY B 173 6.32 6.98 27.41
C GLY B 173 7.74 7.39 27.07
N ALA B 174 8.20 8.51 27.66
CA ALA B 174 9.55 8.99 27.45
C ALA B 174 10.60 8.00 27.97
N MET B 175 10.33 7.35 29.11
CA MET B 175 11.28 6.42 29.72
C MET B 175 11.41 5.18 28.84
N VAL B 176 10.31 4.68 28.28
CA VAL B 176 10.41 3.53 27.37
C VAL B 176 11.24 3.90 26.11
N GLN B 177 11.02 5.11 25.57
CA GLN B 177 11.82 5.63 24.47
C GLN B 177 13.31 5.68 24.84
N ILE B 178 13.63 6.21 26.04
CA ILE B 178 15.02 6.39 26.39
C ILE B 178 15.72 5.03 26.60
N ILE B 179 15.06 4.14 27.33
CA ILE B 179 15.66 2.84 27.57
C ILE B 179 15.85 2.15 26.22
N THR B 180 14.86 2.30 25.33
CA THR B 180 14.89 1.61 24.07
C THR B 180 16.04 2.11 23.19
N TYR B 181 16.18 3.42 23.01
CA TYR B 181 17.09 3.94 22.02
C TYR B 181 18.49 4.17 22.60
N ARG B 182 18.59 4.48 23.90
CA ARG B 182 19.89 4.69 24.53
C ARG B 182 20.54 3.36 24.92
N ASP B 183 19.79 2.44 25.51
CA ASP B 183 20.36 1.26 26.17
C ASP B 183 20.17 -0.01 25.33
N TYR B 184 18.96 -0.23 24.79
CA TYR B 184 18.64 -1.49 24.15
C TYR B 184 19.14 -1.57 22.71
N LEU B 185 18.72 -0.67 21.83
CA LEU B 185 18.95 -0.82 20.39
C LEU B 185 20.45 -0.89 20.04
N PRO B 186 21.38 -0.16 20.69
CA PRO B 186 22.81 -0.32 20.41
C PRO B 186 23.31 -1.75 20.62
N LEU B 187 22.71 -2.48 21.59
CA LEU B 187 23.15 -3.85 21.85
C LEU B 187 22.47 -4.86 20.91
N VAL B 188 21.36 -4.47 20.27
CA VAL B 188 20.79 -5.27 19.19
C VAL B 188 21.60 -5.13 17.91
N LEU B 189 21.88 -3.87 17.53
CA LEU B 189 22.38 -3.57 16.20
C LEU B 189 23.88 -3.58 16.14
N GLY B 190 24.54 -3.31 17.27
CA GLY B 190 25.96 -3.01 17.26
C GLY B 190 26.24 -1.58 16.82
N PRO B 191 27.44 -1.06 17.11
CA PRO B 191 27.71 0.37 16.93
C PRO B 191 27.68 0.87 15.48
N THR B 192 28.18 0.08 14.53
CA THR B 192 28.18 0.45 13.12
C THR B 192 26.74 0.60 12.60
N ALA B 193 25.89 -0.41 12.84
CA ALA B 193 24.53 -0.37 12.34
C ALA B 193 23.74 0.73 13.04
N MET B 194 24.06 0.95 14.34
CA MET B 194 23.36 1.95 15.13
C MET B 194 23.62 3.35 14.52
N ARG B 195 24.88 3.64 14.20
CA ARG B 195 25.23 4.91 13.54
C ARG B 195 24.64 5.00 12.13
N LYS B 196 24.57 3.87 11.43
CA LYS B 196 24.02 3.91 10.09
C LYS B 196 22.51 4.17 10.09
N TYR B 197 21.75 3.45 10.93
CA TYR B 197 20.31 3.44 10.84
C TYR B 197 19.68 4.41 11.82
N LEU B 198 20.45 4.82 12.83
CA LEU B 198 19.93 5.78 13.80
C LEU B 198 20.95 6.86 14.04
N PRO B 199 21.28 7.69 13.03
CA PRO B 199 22.12 8.84 13.24
C PRO B 199 21.45 9.79 14.21
N THR B 200 22.26 10.64 14.85
CA THR B 200 21.83 11.61 15.84
C THR B 200 20.51 12.28 15.42
N TYR B 201 19.58 12.39 16.36
CA TYR B 201 18.26 12.94 16.11
C TYR B 201 18.35 14.43 15.80
N ARG B 202 17.57 14.90 14.83
CA ARG B 202 17.51 16.32 14.51
C ARG B 202 16.19 16.86 15.07
N SER B 203 15.09 16.48 14.43
CA SER B 203 13.82 17.07 14.77
C SER B 203 12.73 16.24 14.13
N TYR B 204 11.50 16.41 14.61
CA TYR B 204 10.35 15.76 13.99
C TYR B 204 10.22 16.15 12.50
N ASN B 205 10.07 15.11 11.68
CA ASN B 205 9.85 15.24 10.25
C ASN B 205 8.49 14.61 9.94
N ASP B 206 7.49 15.46 9.64
CA ASP B 206 6.12 15.03 9.37
C ASP B 206 5.93 14.29 8.04
N SER B 207 7.01 14.04 7.29
CA SER B 207 6.99 13.26 6.06
C SER B 207 7.58 11.86 6.24
N VAL B 208 8.03 11.51 7.45
CA VAL B 208 8.50 10.17 7.74
C VAL B 208 7.30 9.33 8.16
N ASP B 209 7.03 8.27 7.40
CA ASP B 209 5.91 7.39 7.68
C ASP B 209 6.19 6.55 8.93
N PRO B 210 5.40 6.68 10.03
CA PRO B 210 5.73 5.94 11.26
C PRO B 210 5.10 4.55 11.40
N ARG B 211 4.46 4.02 10.36
CA ARG B 211 3.73 2.78 10.49
C ARG B 211 4.72 1.64 10.66
N ILE B 212 4.26 0.56 11.30
CA ILE B 212 5.00 -0.69 11.34
C ILE B 212 4.91 -1.36 9.98
N ALA B 213 6.05 -1.75 9.41
CA ALA B 213 6.04 -2.52 8.17
C ALA B 213 5.69 -3.98 8.47
N ASN B 214 4.94 -4.61 7.57
CA ASN B 214 4.57 -5.99 7.70
C ASN B 214 5.81 -6.83 8.07
N VAL B 215 6.92 -6.62 7.37
CA VAL B 215 8.06 -7.49 7.53
C VAL B 215 8.63 -7.37 8.94
N PHE B 216 8.53 -6.21 9.58
CA PHE B 216 9.00 -6.01 10.93
C PHE B 216 8.35 -6.99 11.92
N THR B 217 7.06 -7.30 11.72
CA THR B 217 6.34 -8.14 12.67
C THR B 217 7.00 -9.50 12.73
N ASN B 218 7.68 -9.88 11.64
CA ASN B 218 8.35 -11.16 11.58
C ASN B 218 9.83 -11.03 11.93
N ALA B 219 10.49 -9.99 11.44
CA ALA B 219 11.92 -9.82 11.64
C ALA B 219 12.27 -9.58 13.11
N PHE B 220 11.40 -8.87 13.84
CA PHE B 220 11.70 -8.53 15.22
C PHE B 220 11.52 -9.77 16.11
N ARG B 221 10.98 -10.86 15.57
CA ARG B 221 10.98 -12.14 16.24
C ARG B 221 12.38 -12.77 16.29
N TYR B 222 13.42 -12.06 15.85
CA TYR B 222 14.79 -12.50 16.10
C TYR B 222 14.97 -12.87 17.58
N GLY B 223 14.23 -12.18 18.44
CA GLY B 223 14.32 -12.32 19.89
C GLY B 223 14.04 -13.73 20.41
N HIS B 224 13.33 -14.53 19.62
CA HIS B 224 13.08 -15.91 20.01
C HIS B 224 14.39 -16.67 20.21
N THR B 225 15.45 -16.27 19.50
CA THR B 225 16.76 -16.92 19.62
C THR B 225 17.42 -16.66 20.98
N LEU B 226 16.91 -15.67 21.73
CA LEU B 226 17.54 -15.22 22.96
C LEU B 226 16.99 -15.94 24.18
N ILE B 227 15.94 -16.73 23.96
CA ILE B 227 15.11 -17.25 25.04
C ILE B 227 15.83 -18.43 25.67
N GLN B 228 15.93 -18.43 27.02
CA GLN B 228 16.38 -19.56 27.82
C GLN B 228 15.24 -20.53 28.08
N PRO B 229 15.52 -21.84 28.31
CA PRO B 229 14.47 -22.83 28.58
C PRO B 229 13.87 -22.80 29.99
N PHE B 230 14.37 -21.93 30.87
CA PHE B 230 13.83 -21.87 32.21
C PHE B 230 13.47 -20.43 32.55
N MET B 231 12.55 -20.32 33.51
CA MET B 231 12.45 -19.06 34.24
C MET B 231 13.23 -19.19 35.54
N PHE B 232 14.08 -18.20 35.83
CA PHE B 232 14.97 -18.19 36.98
C PHE B 232 14.51 -17.17 38.04
N ARG B 233 14.43 -17.63 39.30
CA ARG B 233 14.04 -16.82 40.45
C ARG B 233 15.13 -16.86 41.54
N LEU B 234 15.45 -15.66 42.04
CA LEU B 234 16.52 -15.44 42.99
C LEU B 234 16.02 -14.58 44.15
N ASP B 235 16.61 -14.81 45.33
CA ASP B 235 16.24 -14.16 46.56
C ASP B 235 17.05 -12.88 46.70
N ASN B 236 16.91 -12.20 47.83
CA ASN B 236 17.51 -10.88 48.05
C ASN B 236 19.02 -11.00 48.27
N ARG B 237 19.57 -12.21 48.31
CA ARG B 237 21.01 -12.38 48.17
C ARG B 237 21.38 -12.91 46.78
N TYR B 238 20.44 -12.85 45.84
CA TYR B 238 20.65 -13.28 44.47
C TYR B 238 21.02 -14.76 44.44
N GLN B 239 20.55 -15.52 45.45
CA GLN B 239 20.62 -16.98 45.48
C GLN B 239 19.33 -17.59 44.93
N PRO B 240 19.38 -18.80 44.30
CA PRO B 240 18.18 -19.56 43.93
C PRO B 240 17.12 -19.59 45.01
N MET B 241 15.90 -19.12 44.68
CA MET B 241 14.81 -19.03 45.65
C MET B 241 13.96 -20.30 45.62
N GLU B 242 13.89 -21.02 46.76
CA GLU B 242 13.35 -22.38 46.81
C GLU B 242 11.83 -22.35 46.82
N PRO B 243 11.14 -23.49 46.51
CA PRO B 243 11.75 -24.71 45.98
C PRO B 243 11.67 -24.88 44.44
N ASN B 244 11.17 -23.88 43.69
CA ASN B 244 11.17 -23.89 42.22
C ASN B 244 11.95 -22.70 41.66
N PRO B 245 13.30 -22.71 41.78
CA PRO B 245 14.11 -21.61 41.28
C PRO B 245 14.31 -21.61 39.77
N ARG B 246 14.02 -22.76 39.14
CA ARG B 246 14.28 -22.96 37.74
C ARG B 246 13.11 -23.72 37.12
N VAL B 247 12.14 -22.98 36.60
CA VAL B 247 10.91 -23.57 36.12
C VAL B 247 11.03 -23.71 34.62
N PRO B 248 10.81 -24.91 34.04
CA PRO B 248 10.81 -25.03 32.58
C PRO B 248 9.77 -24.11 31.98
N LEU B 249 10.09 -23.45 30.86
CA LEU B 249 9.26 -22.41 30.26
C LEU B 249 7.89 -22.98 29.88
N SER B 250 7.82 -24.24 29.48
CA SER B 250 6.54 -24.87 29.19
C SER B 250 5.66 -25.07 30.43
N ARG B 251 6.13 -24.65 31.63
CA ARG B 251 5.31 -24.60 32.84
C ARG B 251 5.18 -23.16 33.35
N VAL B 252 5.52 -22.15 32.52
CA VAL B 252 5.28 -20.77 32.91
C VAL B 252 4.38 -20.00 31.95
N PHE B 253 4.07 -20.54 30.76
CA PHE B 253 3.24 -19.82 29.79
C PHE B 253 1.84 -19.64 30.39
N PHE B 254 1.35 -18.38 30.42
CA PHE B 254 0.08 -17.96 31.02
C PHE B 254 -0.01 -18.31 32.51
N ALA B 255 1.14 -18.59 33.18
CA ALA B 255 1.07 -19.05 34.57
C ALA B 255 1.00 -17.83 35.50
N SER B 256 -0.12 -17.12 35.44
CA SER B 256 -0.28 -15.87 36.20
C SER B 256 -0.22 -16.17 37.69
N TRP B 257 -0.68 -17.37 38.07
CA TRP B 257 -0.70 -17.78 39.46
C TRP B 257 0.70 -17.67 40.07
N ARG B 258 1.76 -17.78 39.26
CA ARG B 258 3.08 -17.83 39.84
C ARG B 258 3.47 -16.46 40.37
N VAL B 259 3.06 -15.40 39.67
CA VAL B 259 3.28 -14.03 40.13
C VAL B 259 2.55 -13.81 41.46
N VAL B 260 1.29 -14.22 41.49
CA VAL B 260 0.42 -13.87 42.60
C VAL B 260 0.77 -14.71 43.82
N LEU B 261 0.98 -16.02 43.65
CA LEU B 261 1.09 -16.95 44.76
C LEU B 261 2.53 -17.38 45.06
N GLU B 262 3.47 -17.29 44.12
CA GLU B 262 4.81 -17.82 44.39
C GLU B 262 5.85 -16.70 44.41
N GLY B 263 5.56 -15.55 45.02
CA GLY B 263 6.60 -14.64 45.45
C GLY B 263 6.66 -13.34 44.68
N GLY B 264 5.65 -13.04 43.85
CA GLY B 264 5.59 -11.71 43.26
C GLY B 264 6.69 -11.51 42.21
N ILE B 265 7.02 -10.23 41.96
CA ILE B 265 7.84 -9.90 40.80
C ILE B 265 9.32 -9.79 41.17
N ASP B 266 9.66 -9.62 42.47
CA ASP B 266 11.04 -9.36 42.85
C ASP B 266 11.94 -10.53 42.42
N PRO B 267 11.60 -11.79 42.74
CA PRO B 267 12.43 -12.93 42.34
C PRO B 267 12.68 -12.99 40.84
N ILE B 268 11.64 -12.67 40.06
CA ILE B 268 11.65 -12.76 38.59
C ILE B 268 12.57 -11.67 38.02
N LEU B 269 12.45 -10.42 38.51
CA LEU B 269 13.28 -9.33 38.03
C LEU B 269 14.76 -9.57 38.34
N ARG B 270 15.08 -10.08 39.53
CA ARG B 270 16.44 -10.44 39.88
C ARG B 270 16.99 -11.47 38.90
N GLY B 271 16.14 -12.45 38.54
CA GLY B 271 16.57 -13.53 37.70
C GLY B 271 16.93 -13.03 36.30
N LEU B 272 16.16 -12.03 35.81
CA LEU B 272 16.42 -11.41 34.51
C LEU B 272 17.73 -10.62 34.55
N MET B 273 18.04 -9.99 35.70
CA MET B 273 19.24 -9.15 35.79
C MET B 273 20.50 -9.99 35.89
N ALA B 274 20.42 -11.13 36.62
CA ALA B 274 21.59 -11.88 37.02
C ALA B 274 21.72 -13.20 36.28
N THR B 275 20.93 -13.45 35.25
CA THR B 275 21.08 -14.64 34.42
C THR B 275 21.47 -14.21 33.00
N PRO B 276 22.38 -14.90 32.28
CA PRO B 276 22.66 -14.57 30.89
C PRO B 276 21.49 -14.88 29.94
N ALA B 277 21.35 -14.08 28.87
CA ALA B 277 20.50 -14.48 27.75
C ALA B 277 21.14 -15.68 27.06
N LYS B 278 20.35 -16.45 26.36
CA LYS B 278 20.88 -17.42 25.40
C LYS B 278 21.54 -16.68 24.24
N LEU B 279 22.71 -17.18 23.81
CA LEU B 279 23.34 -16.76 22.56
C LEU B 279 22.69 -17.46 21.36
N ASN B 280 22.39 -16.70 20.29
CA ASN B 280 22.03 -17.30 19.02
C ASN B 280 23.32 -17.78 18.37
N ARG B 281 23.39 -19.10 18.09
CA ARG B 281 24.47 -19.65 17.27
C ARG B 281 23.81 -20.44 16.15
N GLN B 282 24.52 -20.62 15.03
CA GLN B 282 23.98 -21.16 13.79
C GLN B 282 23.52 -22.62 13.94
N ASN B 283 24.10 -23.35 14.90
CA ASN B 283 23.77 -24.73 15.21
C ASN B 283 23.00 -24.80 16.52
N GLN B 284 22.63 -23.65 17.09
CA GLN B 284 21.85 -23.62 18.32
C GLN B 284 20.88 -22.44 18.25
N ILE B 285 19.94 -22.47 17.29
CA ILE B 285 19.15 -21.28 16.97
C ILE B 285 18.09 -21.03 18.05
N ALA B 286 17.24 -22.05 18.32
CA ALA B 286 16.14 -21.87 19.27
C ALA B 286 15.82 -23.15 20.03
N VAL B 287 15.45 -22.97 21.29
CA VAL B 287 15.36 -24.10 22.24
C VAL B 287 14.01 -24.83 22.10
N ASP B 288 14.06 -26.07 22.56
CA ASP B 288 12.94 -26.99 22.48
C ASP B 288 11.79 -26.55 23.37
N GLU B 289 12.00 -25.74 24.43
CA GLU B 289 10.88 -25.28 25.23
C GLU B 289 9.88 -24.44 24.41
N ILE B 290 10.35 -23.74 23.36
CA ILE B 290 9.45 -23.01 22.48
C ILE B 290 9.28 -23.73 21.15
N ARG B 291 10.18 -24.66 20.78
CA ARG B 291 10.10 -25.30 19.48
C ARG B 291 9.27 -26.58 19.55
N GLU B 292 9.15 -27.17 20.76
CA GLU B 292 8.50 -28.44 20.97
C GLU B 292 7.31 -28.31 21.90
N ARG B 293 7.31 -27.35 22.83
CA ARG B 293 6.37 -27.39 23.94
C ARG B 293 5.71 -26.03 24.17
N LEU B 294 5.68 -25.19 23.13
CA LEU B 294 5.09 -23.87 23.27
C LEU B 294 3.61 -24.03 23.63
N PHE B 295 3.24 -23.53 24.83
CA PHE B 295 1.86 -23.44 25.29
C PHE B 295 1.25 -24.84 25.48
N GLU B 296 2.11 -25.86 25.74
CA GLU B 296 1.61 -27.22 25.80
C GLU B 296 0.64 -27.41 26.96
N GLN B 297 0.72 -26.61 28.01
CA GLN B 297 -0.19 -26.78 29.14
C GLN B 297 -1.62 -26.26 28.86
N VAL B 298 -1.84 -25.43 27.83
CA VAL B 298 -3.13 -24.74 27.68
C VAL B 298 -3.80 -25.09 26.35
N MET B 299 -3.27 -26.06 25.62
CA MET B 299 -3.74 -26.42 24.29
C MET B 299 -3.55 -27.92 24.04
N ARG B 300 -3.99 -28.42 22.88
CA ARG B 300 -4.09 -29.86 22.72
C ARG B 300 -2.71 -30.45 22.42
N ILE B 301 -1.85 -29.63 21.83
CA ILE B 301 -0.52 -30.06 21.43
C ILE B 301 0.43 -28.86 21.62
N GLY B 302 1.68 -29.17 21.92
CA GLY B 302 2.74 -28.19 21.97
C GLY B 302 3.02 -27.59 20.60
N LEU B 303 3.21 -26.27 20.56
CA LEU B 303 3.43 -25.59 19.28
C LEU B 303 4.94 -25.50 19.02
N ASP B 304 5.32 -25.01 17.83
CA ASP B 304 6.69 -24.76 17.44
C ASP B 304 6.82 -23.30 17.01
N LEU B 305 7.38 -22.44 17.86
CA LEU B 305 7.34 -21.01 17.63
C LEU B 305 8.18 -20.68 16.40
N PRO B 306 9.39 -21.24 16.20
CA PRO B 306 10.13 -21.07 14.93
C PRO B 306 9.33 -21.41 13.67
N ALA B 307 8.67 -22.58 13.67
CA ALA B 307 7.80 -22.99 12.55
C ALA B 307 6.61 -22.04 12.34
N LEU B 308 5.95 -21.62 13.43
CA LEU B 308 4.89 -20.61 13.36
C LEU B 308 5.42 -19.32 12.70
N ASN B 309 6.64 -18.91 13.01
CA ASN B 309 7.17 -17.66 12.46
C ASN B 309 7.23 -17.76 10.94
N MET B 310 7.61 -18.96 10.46
CA MET B 310 7.79 -19.22 9.05
C MET B 310 6.43 -19.35 8.37
N GLN B 311 5.48 -20.03 9.02
CA GLN B 311 4.12 -20.10 8.48
C GLN B 311 3.54 -18.68 8.40
N ARG B 312 3.73 -17.87 9.45
CA ARG B 312 3.19 -16.52 9.50
C ARG B 312 3.74 -15.62 8.37
N SER B 313 5.05 -15.73 8.05
CA SER B 313 5.63 -14.92 6.99
C SER B 313 4.94 -15.26 5.66
N ARG B 314 4.56 -16.53 5.50
CA ARG B 314 3.91 -17.02 4.30
C ARG B 314 2.46 -16.54 4.26
N ASP B 315 1.79 -16.62 5.40
CA ASP B 315 0.45 -16.09 5.57
C ASP B 315 0.41 -14.59 5.22
N HIS B 316 1.43 -13.84 5.61
CA HIS B 316 1.55 -12.39 5.31
C HIS B 316 2.14 -12.04 3.93
N GLY B 317 2.41 -13.04 3.10
CA GLY B 317 2.89 -12.82 1.74
C GLY B 317 4.24 -12.12 1.68
N LEU B 318 5.09 -12.43 2.66
CA LEU B 318 6.38 -11.78 2.69
C LEU B 318 7.31 -12.37 1.63
N PRO B 319 8.03 -11.51 0.87
CA PRO B 319 9.11 -11.98 0.03
C PRO B 319 10.16 -12.73 0.82
N GLY B 320 10.89 -13.60 0.12
CA GLY B 320 11.98 -14.36 0.71
C GLY B 320 13.26 -13.54 0.90
N TYR B 321 14.24 -14.26 1.41
CA TYR B 321 15.50 -13.71 1.88
C TYR B 321 16.16 -12.75 0.88
N ASN B 322 16.36 -13.21 -0.37
CA ASN B 322 17.13 -12.42 -1.32
C ASN B 322 16.42 -11.11 -1.68
N ALA B 323 15.09 -11.10 -1.69
CA ALA B 323 14.33 -9.88 -1.94
C ALA B 323 14.61 -8.87 -0.84
N TRP B 324 14.74 -9.34 0.42
CA TRP B 324 15.01 -8.45 1.54
C TRP B 324 16.48 -8.02 1.56
N ARG B 325 17.39 -8.93 1.20
CA ARG B 325 18.81 -8.58 1.03
C ARG B 325 18.93 -7.39 0.06
N ARG B 326 18.26 -7.54 -1.10
CA ARG B 326 18.26 -6.53 -2.15
C ARG B 326 17.68 -5.22 -1.65
N PHE B 327 16.49 -5.31 -1.00
CA PHE B 327 15.87 -4.13 -0.41
C PHE B 327 16.88 -3.34 0.45
N CYS B 328 17.68 -4.08 1.23
CA CYS B 328 18.62 -3.52 2.19
C CYS B 328 19.98 -3.17 1.58
N GLY B 329 20.18 -3.41 0.27
CA GLY B 329 21.43 -3.06 -0.37
C GLY B 329 22.50 -4.12 -0.08
N LEU B 330 22.11 -5.34 0.20
CA LEU B 330 23.08 -6.39 0.48
C LEU B 330 23.17 -7.38 -0.69
N PRO B 331 24.35 -7.99 -0.94
CA PRO B 331 24.47 -9.00 -1.97
C PRO B 331 23.48 -10.15 -1.78
N GLN B 332 23.00 -10.73 -2.87
CA GLN B 332 22.02 -11.81 -2.86
C GLN B 332 22.66 -13.11 -3.36
N PRO B 333 22.95 -14.13 -2.49
CA PRO B 333 23.58 -15.34 -2.97
C PRO B 333 22.62 -16.14 -3.84
N GLU B 334 23.10 -16.65 -4.98
CA GLU B 334 22.29 -17.45 -5.91
C GLU B 334 22.63 -18.94 -5.73
N THR B 335 23.89 -19.30 -5.43
CA THR B 335 24.32 -20.69 -5.37
C THR B 335 24.56 -21.09 -3.92
N VAL B 336 24.71 -22.38 -3.72
CA VAL B 336 25.01 -22.89 -2.40
C VAL B 336 26.37 -22.35 -1.93
N GLY B 337 27.36 -22.24 -2.83
CA GLY B 337 28.67 -21.73 -2.43
C GLY B 337 28.58 -20.27 -2.00
N GLN B 338 27.79 -19.45 -2.71
CA GLN B 338 27.64 -18.07 -2.34
C GLN B 338 26.90 -17.94 -1.01
N LEU B 339 25.90 -18.79 -0.82
CA LEU B 339 25.16 -18.73 0.43
C LEU B 339 26.10 -19.09 1.58
N GLY B 340 27.01 -20.02 1.32
CA GLY B 340 28.01 -20.46 2.28
C GLY B 340 28.90 -19.29 2.71
N THR B 341 29.33 -18.49 1.72
CA THR B 341 30.16 -17.31 1.93
C THR B 341 29.39 -16.28 2.77
N VAL B 342 28.16 -16.03 2.43
CA VAL B 342 27.36 -15.03 3.16
C VAL B 342 27.10 -15.44 4.62
N LEU B 343 26.99 -16.74 4.89
CA LEU B 343 26.70 -17.24 6.24
C LEU B 343 27.97 -17.70 6.94
N ARG B 344 29.10 -17.60 6.24
CA ARG B 344 30.33 -18.20 6.74
C ARG B 344 30.09 -19.64 7.22
N ASN B 345 29.24 -20.36 6.50
CA ASN B 345 28.91 -21.71 6.92
C ASN B 345 28.35 -22.47 5.72
N LEU B 346 29.19 -23.31 5.11
CA LEU B 346 28.75 -24.09 3.96
C LEU B 346 27.74 -25.17 4.41
N LYS B 347 27.87 -25.66 5.64
CA LYS B 347 27.03 -26.74 6.10
C LYS B 347 25.59 -26.24 6.27
N LEU B 348 25.43 -25.07 6.87
CA LEU B 348 24.12 -24.48 7.04
C LEU B 348 23.53 -24.11 5.69
N ALA B 349 24.39 -23.61 4.77
CA ALA B 349 23.95 -23.25 3.44
C ALA B 349 23.39 -24.47 2.73
N ARG B 350 24.10 -25.60 2.87
CA ARG B 350 23.61 -26.84 2.28
C ARG B 350 22.26 -27.24 2.87
N LYS B 351 22.10 -27.14 4.19
CA LYS B 351 20.84 -27.50 4.80
C LYS B 351 19.75 -26.59 4.31
N LEU B 352 20.02 -25.27 4.17
CA LEU B 352 18.98 -24.34 3.74
C LEU B 352 18.57 -24.61 2.29
N MET B 353 19.53 -24.99 1.45
CA MET B 353 19.24 -25.27 0.05
C MET B 353 18.49 -26.60 -0.09
N GLU B 354 18.86 -27.62 0.69
CA GLU B 354 18.09 -28.85 0.77
C GLU B 354 16.61 -28.54 1.07
N GLN B 355 16.31 -27.65 2.03
CA GLN B 355 14.93 -27.24 2.33
C GLN B 355 14.31 -26.38 1.25
N TYR B 356 14.99 -25.32 0.77
CA TYR B 356 14.30 -24.27 0.07
C TYR B 356 14.58 -24.26 -1.41
N GLY B 357 15.64 -24.92 -1.85
CA GLY B 357 15.91 -24.98 -3.27
C GLY B 357 16.73 -23.80 -3.77
N THR B 358 16.36 -22.59 -3.35
CA THR B 358 17.05 -21.38 -3.74
C THR B 358 17.04 -20.40 -2.55
N PRO B 359 18.08 -19.57 -2.36
CA PRO B 359 18.05 -18.54 -1.34
C PRO B 359 16.99 -17.49 -1.60
N ASN B 360 16.46 -17.47 -2.85
CA ASN B 360 15.28 -16.62 -3.09
C ASN B 360 14.07 -17.01 -2.23
N ASN B 361 13.99 -18.27 -1.79
CA ASN B 361 12.76 -18.77 -1.18
C ASN B 361 12.88 -18.84 0.35
N ILE B 362 14.09 -18.59 0.89
CA ILE B 362 14.28 -18.75 2.32
C ILE B 362 13.38 -17.77 3.07
N ASP B 363 12.65 -18.26 4.08
CA ASP B 363 11.74 -17.42 4.81
C ASP B 363 12.52 -16.35 5.56
N ILE B 364 11.95 -15.15 5.71
CA ILE B 364 12.68 -14.02 6.25
C ILE B 364 13.24 -14.29 7.64
N TRP B 365 12.47 -14.85 8.56
CA TRP B 365 12.97 -15.11 9.91
C TRP B 365 14.15 -16.07 9.87
N MET B 366 13.96 -17.16 9.13
CA MET B 366 14.93 -18.25 9.12
C MET B 366 16.22 -17.68 8.53
N GLY B 367 16.11 -16.99 7.41
CA GLY B 367 17.26 -16.37 6.78
C GLY B 367 17.95 -15.36 7.69
N GLY B 368 17.15 -14.49 8.32
CA GLY B 368 17.63 -13.39 9.14
C GLY B 368 18.46 -13.93 10.32
N VAL B 369 17.93 -14.94 11.00
CA VAL B 369 18.57 -15.42 12.24
C VAL B 369 19.72 -16.35 11.92
N SER B 370 19.81 -16.84 10.66
CA SER B 370 20.92 -17.67 10.23
C SER B 370 22.21 -16.86 10.05
N GLU B 371 22.10 -15.58 9.79
CA GLU B 371 23.26 -14.76 9.43
C GLU B 371 24.15 -14.63 10.65
N PRO B 372 25.51 -14.63 10.51
CA PRO B 372 26.36 -14.26 11.62
C PRO B 372 26.10 -12.83 12.08
N LEU B 373 26.31 -12.62 13.36
CA LEU B 373 25.91 -11.40 14.02
C LEU B 373 26.99 -10.34 13.79
N LYS B 374 26.54 -9.11 13.62
CA LYS B 374 27.40 -7.95 13.57
C LYS B 374 28.20 -7.83 14.85
N ARG B 375 29.40 -7.24 14.73
CA ARG B 375 30.24 -6.97 15.87
C ARG B 375 29.45 -6.18 16.92
N LYS B 376 29.43 -6.76 18.12
CA LYS B 376 28.81 -6.24 19.34
C LYS B 376 27.31 -6.09 19.14
N GLY B 377 26.73 -6.81 18.19
CA GLY B 377 25.27 -6.82 18.02
C GLY B 377 24.75 -8.25 18.13
N ARG B 378 23.43 -8.44 18.10
CA ARG B 378 22.82 -9.76 18.19
C ARG B 378 21.91 -10.03 16.99
N VAL B 379 22.13 -9.27 15.90
CA VAL B 379 21.60 -9.66 14.60
C VAL B 379 22.67 -9.45 13.55
N GLY B 380 22.46 -10.10 12.40
CA GLY B 380 23.28 -9.89 11.22
C GLY B 380 22.78 -8.72 10.40
N PRO B 381 23.45 -8.45 9.26
CA PRO B 381 23.17 -7.20 8.55
C PRO B 381 21.73 -7.11 8.01
N LEU B 382 21.12 -8.22 7.60
CA LEU B 382 19.76 -8.17 7.06
C LEU B 382 18.77 -7.68 8.13
N LEU B 383 18.79 -8.36 9.28
CA LEU B 383 17.87 -7.98 10.36
C LEU B 383 18.22 -6.60 10.88
N ALA B 384 19.51 -6.23 10.90
CA ALA B 384 19.89 -4.93 11.40
C ALA B 384 19.28 -3.83 10.52
N CYS B 385 19.26 -4.07 9.20
CA CYS B 385 18.70 -3.12 8.27
C CYS B 385 17.20 -2.98 8.53
N ILE B 386 16.48 -4.09 8.64
CA ILE B 386 15.04 -4.03 8.78
C ILE B 386 14.67 -3.34 10.09
N ILE B 387 15.37 -3.74 11.16
CA ILE B 387 15.04 -3.31 12.51
C ILE B 387 15.44 -1.86 12.70
N GLY B 388 16.66 -1.52 12.26
CA GLY B 388 17.14 -0.15 12.35
C GLY B 388 16.30 0.81 11.52
N THR B 389 15.95 0.42 10.29
CA THR B 389 15.04 1.22 9.45
C THR B 389 13.72 1.44 10.20
N GLN B 390 13.12 0.38 10.73
CA GLN B 390 11.86 0.57 11.44
C GLN B 390 11.97 1.57 12.58
N PHE B 391 12.99 1.44 13.45
CA PHE B 391 13.05 2.28 14.64
C PHE B 391 13.42 3.72 14.27
N ARG B 392 14.09 3.94 13.14
CA ARG B 392 14.32 5.31 12.75
C ARG B 392 13.00 6.00 12.43
N LYS B 393 12.12 5.30 11.70
CA LYS B 393 10.83 5.85 11.36
C LYS B 393 9.97 6.16 12.57
N LEU B 394 10.06 5.30 13.57
CA LEU B 394 9.30 5.45 14.80
C LEU B 394 9.73 6.69 15.58
N ARG B 395 11.00 7.09 15.42
CA ARG B 395 11.55 8.20 16.14
C ARG B 395 11.31 9.50 15.40
N ASP B 396 11.78 9.53 14.14
CA ASP B 396 11.77 10.72 13.32
C ASP B 396 10.34 11.10 12.92
N GLY B 397 9.44 10.08 12.86
CA GLY B 397 8.05 10.33 12.49
C GLY B 397 7.11 10.43 13.69
N ASP B 398 7.62 10.68 14.91
CA ASP B 398 6.82 10.76 16.11
C ASP B 398 6.78 12.20 16.61
N ARG B 399 5.62 12.82 16.43
CA ARG B 399 5.42 14.19 16.78
C ARG B 399 5.64 14.38 18.29
N PHE B 400 5.50 13.31 19.08
CA PHE B 400 5.64 13.41 20.52
C PHE B 400 6.94 12.75 20.98
N TRP B 401 7.90 12.54 20.09
CA TRP B 401 9.21 12.07 20.53
C TRP B 401 9.74 13.00 21.62
N TRP B 402 10.36 12.41 22.66
CA TRP B 402 10.71 13.08 23.88
C TRP B 402 11.68 14.25 23.63
N GLU B 403 12.51 14.19 22.59
CA GLU B 403 13.46 15.25 22.30
C GLU B 403 12.89 16.28 21.33
N ASN B 404 11.67 16.12 20.83
CA ASN B 404 11.15 17.06 19.85
C ASN B 404 10.88 18.41 20.51
N GLU B 405 11.27 19.50 19.86
CA GLU B 405 11.07 20.84 20.40
C GLU B 405 9.59 21.00 20.73
N GLY B 406 9.30 21.41 21.97
CA GLY B 406 7.95 21.73 22.42
C GLY B 406 7.29 20.57 23.15
N VAL B 407 7.89 19.39 23.17
CA VAL B 407 7.25 18.30 23.91
C VAL B 407 7.51 18.45 25.42
N PHE B 408 8.79 18.55 25.79
CA PHE B 408 9.22 18.78 27.16
C PHE B 408 10.09 20.03 27.16
N SER B 409 10.22 20.67 28.32
CA SER B 409 11.08 21.83 28.45
C SER B 409 12.50 21.31 28.47
N MET B 410 13.46 22.23 28.32
CA MET B 410 14.86 21.83 28.37
C MET B 410 15.18 21.22 29.75
N GLN B 411 14.66 21.83 30.81
CA GLN B 411 14.89 21.32 32.14
C GLN B 411 14.27 19.93 32.29
N GLN B 412 13.08 19.70 31.76
CA GLN B 412 12.50 18.37 31.84
C GLN B 412 13.33 17.33 31.07
N ARG B 413 13.84 17.72 29.90
CA ARG B 413 14.65 16.77 29.12
C ARG B 413 15.90 16.41 29.92
N GLN B 414 16.45 17.39 30.64
CA GLN B 414 17.67 17.20 31.42
C GLN B 414 17.42 16.21 32.54
N ALA B 415 16.23 16.31 33.15
CA ALA B 415 15.88 15.40 34.22
C ALA B 415 15.65 13.99 33.66
N LEU B 416 14.88 13.86 32.58
CA LEU B 416 14.62 12.54 31.99
C LEU B 416 15.90 11.82 31.56
N ALA B 417 16.92 12.56 31.14
CA ALA B 417 18.18 11.96 30.73
C ALA B 417 18.83 11.16 31.89
N GLN B 418 18.40 11.39 33.13
CA GLN B 418 18.94 10.67 34.27
C GLN B 418 18.20 9.35 34.54
N ILE B 419 17.12 9.03 33.81
CA ILE B 419 16.37 7.84 34.16
C ILE B 419 17.14 6.59 33.70
N SER B 420 16.85 5.47 34.34
CA SER B 420 17.40 4.20 33.89
C SER B 420 16.53 3.07 34.41
N LEU B 421 16.59 1.90 33.78
CA LEU B 421 15.71 0.80 34.16
C LEU B 421 16.05 0.29 35.56
N PRO B 422 17.35 0.15 35.97
CA PRO B 422 17.68 -0.19 37.37
C PRO B 422 17.05 0.73 38.40
N ARG B 423 17.02 2.03 38.12
CA ARG B 423 16.43 2.98 39.05
C ARG B 423 14.92 2.74 39.18
N ILE B 424 14.27 2.42 38.07
CA ILE B 424 12.83 2.17 38.06
C ILE B 424 12.54 0.93 38.89
N ILE B 425 13.45 -0.05 38.85
CA ILE B 425 13.26 -1.24 39.68
C ILE B 425 13.41 -0.89 41.17
N CYS B 426 14.44 -0.12 41.50
CA CYS B 426 14.68 0.34 42.86
C CYS B 426 13.45 1.06 43.44
N ASP B 427 12.80 1.90 42.61
CA ASP B 427 11.72 2.76 43.05
C ASP B 427 10.45 1.98 43.32
N ASN B 428 10.28 0.80 42.70
CA ASN B 428 8.96 0.19 42.68
C ASN B 428 8.96 -1.28 43.10
N THR B 429 10.01 -1.77 43.75
CA THR B 429 10.04 -3.17 44.18
C THR B 429 10.72 -3.25 45.54
N GLY B 430 10.80 -4.45 46.09
CA GLY B 430 11.56 -4.67 47.32
C GLY B 430 13.06 -4.84 47.08
N ILE B 431 13.52 -4.73 45.81
CA ILE B 431 14.91 -5.00 45.47
C ILE B 431 15.77 -3.81 45.87
N THR B 432 16.91 -4.06 46.56
CA THR B 432 17.76 -2.94 46.95
C THR B 432 19.12 -3.01 46.27
N THR B 433 19.39 -4.11 45.56
CA THR B 433 20.63 -4.25 44.83
C THR B 433 20.29 -4.56 43.37
N VAL B 434 20.83 -3.79 42.42
CA VAL B 434 20.46 -3.91 41.01
C VAL B 434 21.69 -3.89 40.10
N SER B 435 21.45 -4.28 38.85
CA SER B 435 22.42 -4.21 37.77
C SER B 435 23.00 -2.81 37.63
N LYS B 436 24.29 -2.75 37.37
CA LYS B 436 24.86 -1.51 36.89
C LYS B 436 24.55 -1.35 35.39
N ASN B 437 24.47 -0.09 34.97
CA ASN B 437 24.26 0.24 33.59
C ASN B 437 25.45 -0.34 32.82
N ASN B 438 25.22 -0.95 31.66
CA ASN B 438 23.96 -1.13 30.98
C ASN B 438 23.30 -2.40 31.49
N ILE B 439 22.03 -2.28 31.88
CA ILE B 439 21.31 -3.40 32.45
C ILE B 439 21.28 -4.59 31.46
N PHE B 440 21.31 -4.29 30.15
CA PHE B 440 21.11 -5.29 29.13
C PHE B 440 22.40 -6.07 28.88
N MET B 441 23.52 -5.55 29.40
CA MET B 441 24.81 -6.22 29.27
C MET B 441 25.19 -6.87 30.60
N SER B 442 25.09 -6.08 31.69
CA SER B 442 25.30 -6.53 33.07
C SER B 442 24.51 -7.81 33.29
N ASN B 443 25.18 -8.90 33.72
CA ASN B 443 24.46 -10.18 33.81
C ASN B 443 24.98 -11.08 34.93
N SER B 444 25.95 -10.60 35.73
CA SER B 444 26.66 -11.48 36.67
C SER B 444 26.83 -10.87 38.06
N TYR B 445 26.24 -11.55 39.05
CA TYR B 445 26.23 -11.12 40.44
C TYR B 445 27.36 -11.77 41.22
N PRO B 446 28.13 -11.06 42.08
CA PRO B 446 27.89 -9.65 42.42
C PRO B 446 28.64 -8.62 41.58
N ARG B 447 29.60 -9.07 40.75
CA ARG B 447 30.47 -8.19 40.00
C ARG B 447 29.71 -7.04 39.31
N ASP B 448 28.54 -7.31 38.73
CA ASP B 448 27.90 -6.27 37.92
C ASP B 448 26.79 -5.55 38.68
N PHE B 449 26.81 -5.51 40.02
CA PHE B 449 25.66 -5.00 40.76
C PHE B 449 26.04 -3.88 41.74
N VAL B 450 25.07 -3.04 42.11
CA VAL B 450 25.27 -1.90 42.97
C VAL B 450 24.04 -1.70 43.85
N ASN B 451 24.22 -1.00 44.97
CA ASN B 451 23.11 -0.61 45.83
C ASN B 451 22.29 0.47 45.15
N CYS B 452 20.98 0.39 45.35
CA CYS B 452 20.01 1.32 44.82
C CYS B 452 20.28 2.77 45.23
N SER B 453 20.79 2.98 46.45
CA SER B 453 20.97 4.33 46.95
C SER B 453 22.08 5.07 46.18
N THR B 454 22.88 4.38 45.34
CA THR B 454 23.92 5.04 44.57
C THR B 454 23.34 5.58 43.26
N LEU B 455 22.14 5.15 42.92
CA LEU B 455 21.51 5.55 41.68
C LEU B 455 20.66 6.79 41.91
N PRO B 456 20.85 7.87 41.11
CA PRO B 456 20.10 9.10 41.28
C PRO B 456 18.66 8.95 40.79
N ALA B 457 17.69 9.52 41.51
CA ALA B 457 16.28 9.37 41.13
C ALA B 457 15.90 10.44 40.11
N LEU B 458 14.75 10.25 39.46
CA LEU B 458 14.21 11.23 38.55
C LEU B 458 13.75 12.45 39.35
N ASN B 459 14.28 13.63 39.05
CA ASN B 459 13.86 14.83 39.75
C ASN B 459 12.75 15.54 38.97
N LEU B 460 11.56 15.67 39.59
CA LEU B 460 10.37 16.20 38.97
C LEU B 460 10.17 17.69 39.24
N ALA B 461 11.18 18.36 39.75
CA ALA B 461 11.02 19.75 40.17
C ALA B 461 10.59 20.64 39.00
N SER B 462 11.04 20.32 37.76
CA SER B 462 10.71 21.16 36.61
C SER B 462 9.29 20.90 36.06
N TRP B 463 8.53 20.01 36.71
CA TRP B 463 7.10 19.82 36.45
C TRP B 463 6.21 20.72 37.32
N ARG B 464 6.78 21.45 38.28
CA ARG B 464 6.00 22.32 39.17
C ARG B 464 5.23 23.42 38.43
N GLU B 465 4.06 23.78 39.00
CA GLU B 465 3.22 24.93 38.67
C GLU B 465 2.76 25.66 39.95
N ALA C 1 -22.04 -8.96 -22.26
CA ALA C 1 -23.36 -9.57 -22.57
C ALA C 1 -23.84 -9.04 -23.92
N ASN C 2 -23.63 -7.74 -24.24
CA ASN C 2 -24.24 -7.12 -25.42
C ASN C 2 -23.66 -7.67 -26.72
N PHE C 3 -24.56 -8.17 -27.57
CA PHE C 3 -24.25 -8.58 -28.93
C PHE C 3 -23.62 -7.40 -29.67
N LEU C 4 -22.56 -7.66 -30.43
CA LEU C 4 -21.84 -6.60 -31.14
C LEU C 4 -22.16 -6.70 -32.63
N GLU C 5 -22.32 -5.58 -33.32
CA GLU C 5 -22.79 -5.54 -34.71
C GLU C 5 -21.92 -6.37 -35.63
N HIS C 6 -20.59 -6.37 -35.41
CA HIS C 6 -19.72 -7.15 -36.28
C HIS C 6 -19.90 -8.65 -36.13
N GLU C 7 -20.52 -9.08 -35.03
CA GLU C 7 -20.75 -10.51 -34.80
C GLU C 7 -21.87 -11.01 -35.72
N LEU C 8 -22.71 -10.11 -36.25
CA LEU C 8 -23.71 -10.48 -37.25
C LEU C 8 -23.07 -11.25 -38.44
N SER C 9 -21.87 -10.81 -38.88
CA SER C 9 -21.13 -11.47 -39.96
C SER C 9 -20.79 -12.93 -39.64
N TYR C 10 -20.65 -13.25 -38.35
CA TYR C 10 -20.33 -14.59 -37.92
C TYR C 10 -21.55 -15.51 -38.14
N ILE C 11 -22.77 -14.95 -38.01
CA ILE C 11 -24.00 -15.70 -38.21
C ILE C 11 -24.05 -16.13 -39.69
N ASP C 12 -23.77 -15.18 -40.61
CA ASP C 12 -23.66 -15.46 -42.03
C ASP C 12 -22.70 -16.63 -42.27
N VAL C 13 -21.51 -16.59 -41.67
CA VAL C 13 -20.51 -17.62 -41.88
C VAL C 13 -21.07 -18.97 -41.39
N LEU C 14 -21.75 -18.98 -40.23
CA LEU C 14 -22.30 -20.21 -39.66
C LEU C 14 -23.43 -20.79 -40.53
N LEU C 15 -24.08 -19.95 -41.34
CA LEU C 15 -25.20 -20.40 -42.17
C LEU C 15 -24.77 -20.64 -43.60
N ASP C 16 -23.52 -20.32 -43.92
CA ASP C 16 -22.98 -20.59 -45.25
C ASP C 16 -22.74 -22.10 -45.40
N LYS C 17 -23.42 -22.76 -46.33
CA LYS C 17 -23.23 -24.19 -46.57
C LYS C 17 -21.77 -24.52 -46.88
N ASN C 18 -21.04 -23.59 -47.53
CA ASN C 18 -19.71 -23.85 -48.04
C ASN C 18 -18.59 -23.39 -47.10
N ALA C 19 -18.93 -22.90 -45.90
CA ALA C 19 -17.89 -22.63 -44.93
C ALA C 19 -17.50 -23.99 -44.35
N ASP C 20 -16.22 -24.20 -44.04
CA ASP C 20 -15.68 -25.49 -43.62
C ASP C 20 -15.98 -25.70 -42.14
N GLN C 21 -15.96 -26.97 -41.71
CA GLN C 21 -16.16 -27.41 -40.34
C GLN C 21 -15.31 -26.59 -39.38
N ALA C 22 -14.00 -26.51 -39.60
CA ALA C 22 -13.11 -25.90 -38.62
C ALA C 22 -13.50 -24.44 -38.37
N THR C 23 -13.81 -23.68 -39.44
CA THR C 23 -14.26 -22.29 -39.38
C THR C 23 -15.52 -22.18 -38.53
N LYS C 24 -16.53 -23.03 -38.81
CA LYS C 24 -17.76 -22.95 -38.04
C LYS C 24 -17.53 -23.34 -36.57
N ASP C 25 -16.74 -24.39 -36.35
CA ASP C 25 -16.42 -24.88 -35.01
C ASP C 25 -15.70 -23.79 -34.19
N ASN C 26 -14.77 -23.04 -34.79
CA ASN C 26 -14.14 -21.96 -34.06
C ASN C 26 -15.22 -20.95 -33.63
N LEU C 27 -16.18 -20.65 -34.52
CA LEU C 27 -17.14 -19.63 -34.17
C LEU C 27 -18.11 -20.14 -33.11
N ARG C 28 -18.45 -21.43 -33.18
CA ARG C 28 -19.39 -21.96 -32.24
C ARG C 28 -18.80 -21.90 -30.84
N SER C 29 -17.55 -22.31 -30.72
CA SER C 29 -16.80 -22.22 -29.47
C SER C 29 -16.73 -20.76 -28.91
N TYR C 30 -16.43 -19.79 -29.78
CA TYR C 30 -16.49 -18.38 -29.44
C TYR C 30 -17.85 -17.99 -28.84
N PHE C 31 -18.97 -18.42 -29.44
CA PHE C 31 -20.27 -18.02 -28.94
C PHE C 31 -20.66 -18.82 -27.70
N ALA C 32 -20.22 -20.10 -27.59
CA ALA C 32 -20.44 -20.89 -26.39
C ALA C 32 -19.75 -20.24 -25.18
N ASP C 33 -18.57 -19.65 -25.36
CA ASP C 33 -17.91 -18.89 -24.30
C ASP C 33 -18.76 -17.70 -23.84
N LYS C 34 -19.76 -17.29 -24.62
CA LYS C 34 -20.67 -16.23 -24.21
C LYS C 34 -22.06 -16.74 -23.84
N GLY C 35 -22.22 -18.04 -23.61
CA GLY C 35 -23.49 -18.61 -23.22
C GLY C 35 -24.47 -18.89 -24.39
N LEU C 36 -23.97 -18.89 -25.63
CA LEU C 36 -24.81 -19.07 -26.81
C LEU C 36 -24.41 -20.37 -27.50
N HIS C 37 -25.30 -21.38 -27.47
CA HIS C 37 -24.87 -22.75 -27.74
C HIS C 37 -25.47 -23.31 -29.02
N SER C 38 -26.24 -22.49 -29.77
CA SER C 38 -26.81 -22.89 -31.05
C SER C 38 -26.98 -21.64 -31.91
N ILE C 39 -27.11 -21.82 -33.24
CA ILE C 39 -27.41 -20.70 -34.14
C ILE C 39 -28.72 -20.07 -33.72
N LYS C 40 -29.62 -20.82 -33.10
CA LYS C 40 -30.87 -20.22 -32.65
C LYS C 40 -30.65 -19.25 -31.48
N ASP C 41 -29.84 -19.67 -30.48
CA ASP C 41 -29.45 -18.85 -29.35
C ASP C 41 -28.69 -17.60 -29.82
N ILE C 42 -27.83 -17.75 -30.84
CA ILE C 42 -27.05 -16.64 -31.38
C ILE C 42 -27.96 -15.59 -32.03
N ILE C 43 -28.84 -16.00 -32.94
CA ILE C 43 -29.74 -15.08 -33.64
C ILE C 43 -30.67 -14.39 -32.64
N ASN C 44 -31.16 -15.16 -31.65
CA ASN C 44 -32.07 -14.63 -30.66
C ASN C 44 -31.42 -13.54 -29.82
N LYS C 45 -30.12 -13.70 -29.52
CA LYS C 45 -29.41 -12.74 -28.69
C LYS C 45 -29.26 -11.42 -29.46
N ALA C 46 -28.87 -11.54 -30.74
CA ALA C 46 -28.72 -10.41 -31.64
C ALA C 46 -30.01 -9.61 -31.72
N LYS C 47 -31.16 -10.32 -31.66
CA LYS C 47 -32.46 -9.71 -31.83
C LYS C 47 -32.82 -8.88 -30.58
N GLN C 48 -32.68 -9.53 -29.41
CA GLN C 48 -32.93 -8.87 -28.14
C GLN C 48 -32.06 -7.63 -27.96
N ASP C 49 -30.83 -7.64 -28.46
CA ASP C 49 -29.90 -6.54 -28.28
C ASP C 49 -30.10 -5.45 -29.36
N GLY C 50 -31.18 -5.53 -30.14
CA GLY C 50 -31.61 -4.43 -30.99
C GLY C 50 -31.24 -4.59 -32.47
N PHE C 51 -30.70 -5.76 -32.88
CA PHE C 51 -30.27 -5.90 -34.27
C PHE C 51 -31.44 -6.42 -35.10
N ASP C 52 -31.37 -6.12 -36.40
CA ASP C 52 -32.32 -6.62 -37.37
C ASP C 52 -31.84 -8.01 -37.77
N VAL C 53 -32.66 -9.03 -37.48
CA VAL C 53 -32.35 -10.41 -37.82
C VAL C 53 -33.33 -10.94 -38.84
N SER C 54 -34.02 -10.04 -39.59
CA SER C 54 -35.12 -10.45 -40.46
C SER C 54 -34.59 -11.32 -41.60
N LYS C 55 -33.38 -11.03 -42.11
CA LYS C 55 -32.67 -11.87 -43.07
C LYS C 55 -32.63 -13.34 -42.65
N TYR C 56 -32.77 -13.58 -41.34
CA TYR C 56 -32.87 -14.91 -40.77
C TYR C 56 -34.39 -15.11 -40.55
N ALA D 1 -17.41 -5.14 26.49
CA ALA D 1 -18.68 -5.27 27.23
C ALA D 1 -18.45 -5.94 28.59
N ASN D 2 -17.45 -6.84 28.71
CA ASN D 2 -17.26 -7.70 29.89
C ASN D 2 -16.87 -6.89 31.14
N PHE D 3 -17.72 -7.01 32.17
CA PHE D 3 -17.45 -6.48 33.50
C PHE D 3 -16.12 -7.03 33.99
N LEU D 4 -15.30 -6.14 34.58
CA LEU D 4 -13.96 -6.49 35.05
C LEU D 4 -13.99 -6.53 36.58
N GLU D 5 -13.18 -7.42 37.15
CA GLU D 5 -13.24 -7.72 38.58
C GLU D 5 -13.02 -6.46 39.42
N HIS D 6 -12.06 -5.60 39.00
CA HIS D 6 -11.70 -4.42 39.78
C HIS D 6 -12.85 -3.40 39.83
N GLU D 7 -13.80 -3.50 38.87
CA GLU D 7 -14.94 -2.60 38.81
C GLU D 7 -15.94 -2.93 39.94
N LEU D 8 -15.84 -4.13 40.54
CA LEU D 8 -16.63 -4.48 41.73
C LEU D 8 -16.42 -3.44 42.84
N SER D 9 -15.17 -3.00 43.04
CA SER D 9 -14.81 -1.99 44.03
C SER D 9 -15.54 -0.65 43.79
N TYR D 10 -15.89 -0.35 42.54
CA TYR D 10 -16.61 0.88 42.21
C TYR D 10 -18.07 0.78 42.69
N ILE D 11 -18.64 -0.44 42.69
CA ILE D 11 -19.99 -0.67 43.19
C ILE D 11 -20.02 -0.33 44.69
N ASP D 12 -19.02 -0.83 45.42
CA ASP D 12 -18.83 -0.53 46.84
C ASP D 12 -18.82 0.99 47.05
N VAL D 13 -18.01 1.71 46.27
CA VAL D 13 -17.89 3.15 46.43
C VAL D 13 -19.26 3.82 46.20
N LEU D 14 -20.02 3.36 45.19
CA LEU D 14 -21.35 3.90 44.90
C LEU D 14 -22.34 3.62 46.03
N LEU D 15 -22.08 2.58 46.83
CA LEU D 15 -22.97 2.15 47.91
C LEU D 15 -22.47 2.61 49.27
N ASP D 16 -21.31 3.30 49.29
CA ASP D 16 -20.75 3.80 50.54
C ASP D 16 -21.59 4.98 51.02
N LYS D 17 -22.14 4.84 52.24
CA LYS D 17 -23.21 5.69 52.74
C LYS D 17 -22.84 7.17 52.69
N ASN D 18 -21.59 7.50 53.05
CA ASN D 18 -21.13 8.89 53.15
C ASN D 18 -19.84 9.10 52.35
N ALA D 19 -19.62 8.28 51.32
CA ALA D 19 -18.62 8.60 50.31
C ALA D 19 -19.04 9.87 49.59
N ASP D 20 -18.07 10.62 49.05
CA ASP D 20 -18.28 11.90 48.40
C ASP D 20 -19.20 11.81 47.18
N GLN D 21 -20.10 12.80 47.03
CA GLN D 21 -21.06 12.82 45.93
C GLN D 21 -20.33 12.91 44.58
N ALA D 22 -19.37 13.84 44.45
CA ALA D 22 -18.63 14.02 43.21
C ALA D 22 -17.99 12.71 42.71
N THR D 23 -17.43 11.90 43.63
CA THR D 23 -16.88 10.58 43.34
C THR D 23 -17.92 9.67 42.68
N LYS D 24 -19.10 9.58 43.29
CA LYS D 24 -20.16 8.72 42.76
C LYS D 24 -20.64 9.20 41.40
N ASP D 25 -20.78 10.52 41.20
CA ASP D 25 -21.13 11.09 39.90
C ASP D 25 -20.07 10.70 38.84
N ASN D 26 -18.77 10.77 39.20
CA ASN D 26 -17.70 10.29 38.33
C ASN D 26 -17.97 8.85 37.88
N LEU D 27 -18.29 7.98 38.84
CA LEU D 27 -18.41 6.56 38.55
C LEU D 27 -19.70 6.32 37.76
N ARG D 28 -20.75 7.10 37.99
CA ARG D 28 -22.01 6.90 37.28
C ARG D 28 -21.82 7.18 35.80
N SER D 29 -21.13 8.28 35.50
CA SER D 29 -20.71 8.66 34.16
C SER D 29 -19.87 7.56 33.48
N TYR D 30 -18.88 7.03 34.21
CA TYR D 30 -18.04 5.92 33.76
C TYR D 30 -18.90 4.72 33.34
N PHE D 31 -19.90 4.34 34.14
CA PHE D 31 -20.71 3.17 33.83
C PHE D 31 -21.74 3.47 32.73
N ALA D 32 -22.22 4.73 32.64
CA ALA D 32 -23.10 5.17 31.57
C ALA D 32 -22.40 5.03 30.20
N ASP D 33 -21.10 5.35 30.16
CA ASP D 33 -20.28 5.16 28.96
C ASP D 33 -20.23 3.67 28.54
N LYS D 34 -20.59 2.76 29.45
CA LYS D 34 -20.54 1.32 29.19
C LYS D 34 -21.95 0.74 29.02
N GLY D 35 -22.98 1.58 28.93
CA GLY D 35 -24.36 1.13 28.77
C GLY D 35 -25.05 0.71 30.07
N LEU D 36 -24.40 0.85 31.26
CA LEU D 36 -25.01 0.53 32.55
C LEU D 36 -25.53 1.82 33.19
N HIS D 37 -26.87 1.95 33.30
CA HIS D 37 -27.50 3.22 33.63
C HIS D 37 -28.04 3.28 35.06
N SER D 38 -28.09 2.13 35.75
CA SER D 38 -28.51 2.06 37.13
C SER D 38 -27.53 1.17 37.91
N ILE D 39 -27.54 1.23 39.26
CA ILE D 39 -26.71 0.31 40.05
C ILE D 39 -27.31 -1.09 39.95
N LYS D 40 -28.57 -1.15 39.51
CA LYS D 40 -29.27 -2.36 39.09
C LYS D 40 -28.57 -2.98 37.88
N ASP D 41 -28.51 -2.23 36.76
CA ASP D 41 -27.82 -2.61 35.53
C ASP D 41 -26.35 -2.93 35.78
N ILE D 42 -25.67 -2.18 36.66
CA ILE D 42 -24.29 -2.42 37.01
C ILE D 42 -24.12 -3.79 37.70
N ILE D 43 -24.89 -4.07 38.78
CA ILE D 43 -24.66 -5.30 39.50
C ILE D 43 -25.15 -6.49 38.66
N ASN D 44 -26.20 -6.31 37.85
CA ASN D 44 -26.71 -7.33 36.94
C ASN D 44 -25.64 -7.76 35.92
N LYS D 45 -24.88 -6.78 35.43
CA LYS D 45 -23.84 -7.03 34.43
C LYS D 45 -22.72 -7.83 35.06
N ALA D 46 -22.32 -7.44 36.29
CA ALA D 46 -21.29 -8.11 37.05
C ALA D 46 -21.65 -9.58 37.26
N LYS D 47 -22.96 -9.86 37.43
CA LYS D 47 -23.45 -11.20 37.74
C LYS D 47 -23.36 -12.08 36.49
N GLN D 48 -23.86 -11.57 35.37
CA GLN D 48 -23.89 -12.32 34.13
C GLN D 48 -22.48 -12.60 33.63
N ASP D 49 -21.53 -11.71 33.97
CA ASP D 49 -20.14 -11.81 33.57
C ASP D 49 -19.34 -12.63 34.59
N GLY D 50 -20.02 -13.37 35.48
CA GLY D 50 -19.42 -14.45 36.25
C GLY D 50 -19.14 -14.13 37.72
N PHE D 51 -19.40 -12.90 38.19
CA PHE D 51 -18.97 -12.49 39.52
C PHE D 51 -20.05 -12.76 40.57
N ASP D 52 -19.66 -12.66 41.85
CA ASP D 52 -20.54 -12.69 43.01
C ASP D 52 -20.97 -11.27 43.42
N VAL D 53 -22.26 -10.95 43.27
CA VAL D 53 -22.80 -9.68 43.73
C VAL D 53 -23.79 -9.91 44.88
N SER D 54 -23.81 -11.13 45.45
CA SER D 54 -24.69 -11.45 46.57
C SER D 54 -24.30 -10.63 47.81
N LYS D 55 -22.99 -10.35 47.97
CA LYS D 55 -22.48 -9.46 49.02
C LYS D 55 -23.16 -8.09 49.03
N TYR D 56 -23.70 -7.62 47.88
CA TYR D 56 -24.33 -6.30 47.77
C TYR D 56 -25.79 -6.35 48.20
N GLU D 57 -26.35 -7.56 48.24
CA GLU D 57 -27.77 -7.75 48.49
C GLU D 57 -28.01 -7.93 50.00
N HIS D 58 -27.77 -6.87 50.81
CA HIS D 58 -28.33 -6.80 52.18
C HIS D 58 -29.26 -5.58 52.30
N CYS E 3 1.51 -19.16 -12.05
CA CYS E 3 2.08 -18.66 -13.34
C CYS E 3 2.87 -19.77 -13.97
N PRO E 4 2.74 -20.04 -15.29
CA PRO E 4 3.62 -21.02 -15.94
C PRO E 4 5.07 -20.55 -15.90
N GLU E 5 6.01 -21.50 -15.85
CA GLU E 5 7.42 -21.19 -15.66
C GLU E 5 8.05 -20.81 -17.00
N GLN E 6 7.39 -21.17 -18.11
CA GLN E 6 7.81 -20.74 -19.44
C GLN E 6 6.58 -20.17 -20.11
N ASP E 7 6.73 -19.02 -20.78
CA ASP E 7 5.69 -18.43 -21.60
C ASP E 7 6.38 -17.77 -22.81
N LYS E 8 5.63 -17.21 -23.74
CA LYS E 8 6.25 -16.50 -24.85
C LYS E 8 5.61 -15.14 -25.17
N TYR E 9 4.36 -14.97 -24.77
CA TYR E 9 3.63 -13.75 -25.05
C TYR E 9 3.12 -13.22 -23.73
N ARG E 10 2.87 -11.92 -23.71
CA ARG E 10 2.11 -11.26 -22.66
C ARG E 10 0.76 -11.89 -22.55
N THR E 11 0.28 -12.03 -21.31
CA THR E 11 -1.14 -12.22 -21.07
C THR E 11 -1.83 -10.91 -21.40
N ILE E 12 -3.14 -11.00 -21.61
CA ILE E 12 -3.96 -9.82 -21.87
C ILE E 12 -4.07 -8.96 -20.63
N THR E 13 -4.24 -9.59 -19.45
CA THR E 13 -4.51 -8.85 -18.22
C THR E 13 -3.24 -8.29 -17.63
N GLY E 14 -2.06 -8.75 -18.11
CA GLY E 14 -0.80 -8.33 -17.51
C GLY E 14 -0.35 -9.28 -16.38
N MET E 15 -1.23 -10.18 -15.98
CA MET E 15 -0.88 -11.19 -15.00
C MET E 15 0.40 -11.92 -15.43
N CYS E 16 1.22 -12.26 -14.44
CA CYS E 16 2.39 -13.11 -14.58
C CYS E 16 3.57 -12.41 -15.26
N ASN E 17 3.49 -11.12 -15.58
CA ASN E 17 4.64 -10.35 -16.03
C ASN E 17 5.73 -10.43 -14.98
N ASN E 18 5.34 -10.13 -13.74
CA ASN E 18 6.22 -10.35 -12.61
C ASN E 18 5.89 -11.71 -12.00
N ARG E 19 6.80 -12.68 -12.14
CA ARG E 19 6.54 -14.01 -11.60
C ARG E 19 6.49 -14.04 -10.07
N ARG E 20 7.25 -13.24 -9.32
CA ARG E 20 7.21 -13.33 -7.86
C ARG E 20 5.97 -12.66 -7.27
N SER E 21 5.46 -11.60 -7.92
CA SER E 21 4.27 -10.92 -7.48
C SER E 21 3.38 -10.67 -8.69
N PRO E 22 2.64 -11.71 -9.14
CA PRO E 22 2.05 -11.73 -10.49
C PRO E 22 0.89 -10.80 -10.79
N THR E 23 0.35 -10.05 -9.82
CA THR E 23 -0.62 -9.01 -10.13
C THR E 23 0.04 -7.68 -10.53
N LEU E 24 1.36 -7.47 -10.33
CA LEU E 24 1.90 -6.12 -10.48
C LEU E 24 1.87 -5.72 -11.97
N GLY E 25 1.16 -4.63 -12.24
CA GLY E 25 0.91 -4.16 -13.59
C GLY E 25 -0.28 -4.84 -14.24
N ALA E 26 -0.91 -5.82 -13.58
CA ALA E 26 -2.10 -6.45 -14.12
C ALA E 26 -3.29 -5.50 -13.93
N SER E 27 -4.33 -5.70 -14.75
CA SER E 27 -5.54 -4.89 -14.74
C SER E 27 -6.44 -5.17 -13.52
N ASN E 28 -7.24 -4.13 -13.14
CA ASN E 28 -8.22 -4.18 -12.06
C ASN E 28 -7.55 -4.49 -10.72
N ARG E 29 -6.53 -3.71 -10.41
CA ARG E 29 -5.84 -3.76 -9.14
C ARG E 29 -5.69 -2.34 -8.64
N ALA E 30 -5.48 -2.17 -7.33
CA ALA E 30 -5.25 -0.86 -6.76
C ALA E 30 -3.97 -0.21 -7.32
N PHE E 31 -4.02 1.11 -7.50
CA PHE E 31 -2.83 1.87 -7.78
C PHE E 31 -1.81 1.70 -6.67
N VAL E 32 -0.51 1.84 -6.98
CA VAL E 32 0.49 1.90 -5.92
C VAL E 32 0.48 3.37 -5.45
N ARG E 33 0.74 3.60 -4.15
CA ARG E 33 0.87 4.95 -3.62
C ARG E 33 2.36 5.25 -3.39
N TRP E 34 2.83 6.39 -3.87
CA TRP E 34 4.19 6.83 -3.63
C TRP E 34 4.27 7.68 -2.38
N LEU E 35 3.13 8.19 -1.87
CA LEU E 35 3.07 8.87 -0.59
C LEU E 35 1.79 8.44 0.10
N PRO E 36 1.73 8.50 1.44
CA PRO E 36 0.49 8.29 2.15
C PRO E 36 -0.61 9.26 1.72
N ALA E 37 -1.85 8.74 1.72
CA ALA E 37 -3.00 9.51 1.29
C ALA E 37 -3.35 10.59 2.30
N GLU E 38 -4.01 11.63 1.78
CA GLU E 38 -4.42 12.77 2.59
C GLU E 38 -5.88 13.06 2.33
N TYR E 39 -6.70 12.61 3.30
CA TYR E 39 -8.13 12.77 3.30
C TYR E 39 -8.53 13.60 4.51
N GLU E 40 -9.70 14.23 4.42
CA GLU E 40 -10.22 15.13 5.46
C GLU E 40 -10.38 14.39 6.77
N ASP E 41 -10.75 13.11 6.73
CA ASP E 41 -11.01 12.30 7.92
C ASP E 41 -9.89 11.27 8.11
N GLY E 42 -8.83 11.37 7.31
CA GLY E 42 -7.71 10.44 7.50
C GLY E 42 -7.73 9.26 6.53
N PHE E 43 -8.93 8.78 6.13
CA PHE E 43 -9.03 7.48 5.48
C PHE E 43 -10.00 7.44 4.29
N SER E 44 -10.90 8.41 4.05
N SER E 44 -10.91 8.41 4.07
CA SER E 44 -11.87 8.23 2.99
CA SER E 44 -11.94 8.22 3.05
C SER E 44 -12.40 9.53 2.36
C SER E 44 -12.41 9.52 2.37
N LEU E 45 -12.66 10.57 3.15
CA LEU E 45 -13.34 11.77 2.65
C LEU E 45 -12.36 12.76 2.04
N PRO E 46 -12.68 13.30 0.84
CA PRO E 46 -11.80 14.20 0.16
C PRO E 46 -11.83 15.57 0.84
N TYR E 47 -10.69 16.24 0.84
CA TYR E 47 -10.66 17.65 1.19
C TYR E 47 -11.65 18.37 0.31
N GLY E 48 -12.40 19.27 0.97
CA GLY E 48 -13.45 19.97 0.30
C GLY E 48 -14.82 19.37 0.60
N TRP E 49 -14.89 18.18 1.18
CA TRP E 49 -16.18 17.51 1.43
C TRP E 49 -17.02 18.29 2.43
N THR E 50 -16.47 18.54 3.62
CA THR E 50 -17.28 19.11 4.70
C THR E 50 -17.12 20.63 4.71
N PRO E 51 -18.21 21.42 4.60
CA PRO E 51 -18.06 22.88 4.68
C PRO E 51 -17.44 23.32 6.01
N GLY E 52 -16.48 24.26 5.95
CA GLY E 52 -15.81 24.77 7.13
C GLY E 52 -14.55 24.00 7.50
N VAL E 53 -14.31 22.82 6.94
CA VAL E 53 -13.15 22.03 7.38
C VAL E 53 -11.95 22.43 6.52
N LYS E 54 -10.92 22.92 7.19
CA LYS E 54 -9.70 23.43 6.54
C LYS E 54 -8.73 22.31 6.22
N ARG E 55 -7.78 22.60 5.33
CA ARG E 55 -6.67 21.71 5.03
C ARG E 55 -5.36 22.34 5.54
N ASN E 56 -4.72 21.71 6.54
CA ASN E 56 -3.40 22.15 6.99
C ASN E 56 -3.46 23.67 7.26
N GLY E 57 -4.51 24.12 7.93
CA GLY E 57 -4.60 25.51 8.38
C GLY E 57 -5.32 26.48 7.43
N PHE E 58 -5.77 26.05 6.25
CA PHE E 58 -6.31 27.02 5.31
C PHE E 58 -7.61 26.52 4.69
N PRO E 59 -8.55 27.43 4.35
CA PRO E 59 -9.72 27.05 3.58
C PRO E 59 -9.36 26.30 2.29
N VAL E 60 -10.20 25.32 1.96
CA VAL E 60 -10.04 24.60 0.71
C VAL E 60 -10.61 25.47 -0.40
N ALA E 61 -9.89 25.60 -1.53
CA ALA E 61 -10.36 26.41 -2.62
C ALA E 61 -11.28 25.60 -3.51
N LEU E 62 -12.41 26.18 -3.92
CA LEU E 62 -13.24 25.54 -4.94
C LEU E 62 -12.37 25.28 -6.17
N ALA E 63 -12.32 24.03 -6.61
CA ALA E 63 -11.65 23.67 -7.85
C ALA E 63 -12.00 24.63 -9.00
N ARG E 64 -13.27 24.94 -9.13
CA ARG E 64 -13.76 25.78 -10.20
C ARG E 64 -13.26 27.21 -10.00
N ALA E 65 -13.11 27.66 -8.74
CA ALA E 65 -12.59 29.00 -8.52
C ALA E 65 -11.12 29.02 -8.92
N VAL E 66 -10.35 27.96 -8.63
CA VAL E 66 -8.94 27.93 -8.99
C VAL E 66 -8.89 28.00 -10.50
N SER E 67 -9.73 27.20 -11.17
CA SER E 67 -9.83 27.25 -12.63
C SER E 67 -10.14 28.66 -13.18
N ASN E 68 -11.14 29.35 -12.60
CA ASN E 68 -11.52 30.68 -13.04
C ASN E 68 -10.35 31.67 -12.90
N GLU E 69 -9.61 31.58 -11.80
CA GLU E 69 -8.73 32.68 -11.42
C GLU E 69 -7.31 32.42 -11.90
N ILE E 70 -6.98 31.19 -12.21
CA ILE E 70 -5.62 30.83 -12.58
C ILE E 70 -5.57 30.24 -13.99
N VAL E 71 -6.55 29.41 -14.37
CA VAL E 71 -6.43 28.63 -15.60
C VAL E 71 -6.99 29.39 -16.81
N ARG E 72 -8.07 30.11 -16.60
CA ARG E 72 -8.74 30.78 -17.68
C ARG E 72 -7.81 31.82 -18.32
N PHE E 73 -7.91 31.98 -19.65
CA PHE E 73 -7.24 33.06 -20.37
C PHE E 73 -8.01 33.27 -21.68
N PRO E 74 -7.83 34.42 -22.36
CA PRO E 74 -8.56 34.68 -23.59
C PRO E 74 -8.05 33.79 -24.70
N THR E 75 -8.87 32.80 -25.11
CA THR E 75 -8.37 31.61 -25.81
C THR E 75 -7.78 32.04 -27.17
N ASP E 76 -8.30 33.11 -27.75
CA ASP E 76 -7.79 33.53 -29.04
C ASP E 76 -6.42 34.23 -28.97
N GLN E 77 -5.83 34.41 -27.79
CA GLN E 77 -4.47 34.88 -27.64
C GLN E 77 -3.49 33.70 -27.50
N LEU E 78 -3.95 32.48 -27.75
CA LEU E 78 -3.15 31.29 -27.52
C LEU E 78 -1.84 31.37 -28.32
N THR E 79 -0.81 30.79 -27.69
CA THR E 79 0.53 30.79 -28.22
C THR E 79 0.80 29.48 -28.95
N PRO E 80 1.00 29.47 -30.29
CA PRO E 80 1.37 28.23 -30.95
C PRO E 80 2.75 27.76 -30.52
N ASP E 81 2.90 26.45 -30.35
CA ASP E 81 4.21 25.93 -30.00
C ASP E 81 4.99 25.71 -31.30
N GLN E 82 6.06 26.48 -31.47
CA GLN E 82 6.89 26.40 -32.68
C GLN E 82 7.55 25.04 -32.88
N GLU E 83 7.71 24.26 -31.81
CA GLU E 83 8.55 23.06 -31.84
C GLU E 83 7.78 21.82 -31.46
N ARG E 84 6.44 21.89 -31.46
CA ARG E 84 5.60 20.71 -31.27
C ARG E 84 4.39 20.71 -32.21
N SER E 85 4.13 19.52 -32.76
CA SER E 85 2.92 19.26 -33.50
C SER E 85 1.80 18.92 -32.52
N LEU E 86 0.59 19.06 -33.00
CA LEU E 86 -0.57 18.57 -32.26
C LEU E 86 -0.52 17.06 -32.10
N MET E 87 0.21 16.34 -32.96
CA MET E 87 0.43 14.91 -32.81
C MET E 87 1.15 14.60 -31.51
N PHE E 88 1.96 15.56 -31.01
CA PHE E 88 2.60 15.45 -29.70
C PHE E 88 1.55 15.39 -28.58
N MET E 89 0.52 16.23 -28.68
CA MET E 89 -0.58 16.16 -27.75
C MET E 89 -1.27 14.80 -27.90
N GLN E 90 -1.55 14.43 -29.14
CA GLN E 90 -2.42 13.28 -29.38
C GLN E 90 -1.79 11.96 -28.93
N TRP E 91 -0.46 11.85 -29.11
CA TRP E 91 0.21 10.61 -28.75
C TRP E 91 0.20 10.44 -27.24
N GLY E 92 0.24 11.58 -26.55
CA GLY E 92 0.18 11.59 -25.10
C GLY E 92 -1.11 11.00 -24.56
N GLN E 93 -2.25 11.44 -25.11
CA GLN E 93 -3.55 10.92 -24.71
C GLN E 93 -3.65 9.42 -25.06
N LEU E 94 -3.27 9.06 -26.29
CA LEU E 94 -3.25 7.66 -26.71
C LEU E 94 -2.40 6.80 -25.75
N LEU E 95 -1.24 7.30 -25.34
CA LEU E 95 -0.38 6.58 -24.44
C LEU E 95 -1.00 6.47 -23.04
N ASP E 96 -1.56 7.58 -22.56
CA ASP E 96 -2.28 7.57 -21.30
C ASP E 96 -3.26 6.38 -21.26
N HIS E 97 -3.92 6.11 -22.39
CA HIS E 97 -5.00 5.17 -22.48
C HIS E 97 -4.47 3.73 -22.63
N ASP E 98 -3.13 3.58 -22.77
CA ASP E 98 -2.38 2.36 -22.56
C ASP E 98 -2.06 2.07 -21.09
N LEU E 99 -2.07 3.10 -20.25
CA LEU E 99 -1.48 3.04 -18.93
C LEU E 99 -2.54 3.00 -17.82
N ASP E 100 -3.54 3.87 -17.86
CA ASP E 100 -4.46 3.98 -16.73
C ASP E 100 -5.86 4.39 -17.17
N PHE E 101 -6.86 3.69 -16.59
CA PHE E 101 -8.25 4.11 -16.59
C PHE E 101 -8.79 3.81 -15.20
N THR E 102 -9.32 4.88 -14.58
CA THR E 102 -9.76 4.82 -13.21
C THR E 102 -11.27 4.70 -13.21
N PRO E 103 -11.88 3.53 -12.91
CA PRO E 103 -13.34 3.46 -12.95
C PRO E 103 -14.03 4.32 -11.91
N GLU E 104 -15.27 4.65 -12.25
CA GLU E 104 -16.19 5.36 -11.38
C GLU E 104 -17.52 4.66 -11.42
N PRO E 105 -18.34 4.72 -10.36
CA PRO E 105 -19.66 4.07 -10.38
C PRO E 105 -20.56 4.61 -11.48
N ALA E 106 -21.36 3.70 -12.06
CA ALA E 106 -22.37 4.07 -13.03
C ALA E 106 -23.52 4.75 -12.29
N ALA E 107 -24.27 5.61 -12.99
CA ALA E 107 -25.62 5.87 -12.52
C ALA E 107 -26.43 4.57 -12.69
N CYS F 3 -8.45 16.77 12.93
CA CYS F 3 -7.51 16.85 14.07
C CYS F 3 -7.53 18.25 14.66
N PRO F 4 -7.53 18.43 16.01
CA PRO F 4 -7.38 19.75 16.61
C PRO F 4 -6.07 20.40 16.25
N GLU F 5 -6.05 21.73 16.16
CA GLU F 5 -4.88 22.45 15.64
C GLU F 5 -3.81 22.56 16.72
N GLN F 6 -4.25 22.52 17.99
CA GLN F 6 -3.32 22.42 19.11
C GLN F 6 -3.78 21.26 19.97
N ASP F 7 -2.80 20.53 20.51
CA ASP F 7 -3.04 19.45 21.46
C ASP F 7 -1.86 19.46 22.42
N LYS F 8 -1.82 18.60 23.43
CA LYS F 8 -0.66 18.53 24.33
C LYS F 8 -0.20 17.10 24.61
N TYR F 9 -1.14 16.17 24.53
CA TYR F 9 -0.86 14.79 24.88
C TYR F 9 -1.13 13.96 23.64
N ARG F 10 -0.52 12.79 23.58
CA ARG F 10 -0.90 11.77 22.61
C ARG F 10 -2.36 11.39 22.80
N THR F 11 -3.07 11.16 21.69
CA THR F 11 -4.28 10.38 21.70
C THR F 11 -3.95 8.94 22.09
N ILE F 12 -4.99 8.21 22.52
CA ILE F 12 -4.82 6.81 22.87
C ILE F 12 -4.55 6.00 21.61
N THR F 13 -5.30 6.27 20.53
CA THR F 13 -5.25 5.39 19.37
C THR F 13 -4.05 5.75 18.47
N GLY F 14 -3.38 6.88 18.73
CA GLY F 14 -2.30 7.37 17.87
C GLY F 14 -2.81 8.26 16.72
N MET F 15 -4.13 8.36 16.60
CA MET F 15 -4.74 9.28 15.65
C MET F 15 -4.15 10.68 15.84
N CYS F 16 -3.87 11.38 14.73
CA CYS F 16 -3.55 12.80 14.77
C CYS F 16 -2.09 13.07 15.15
N ASN F 17 -1.27 12.02 15.33
CA ASN F 17 0.16 12.24 15.54
C ASN F 17 0.71 12.90 14.27
N ASN F 18 0.34 12.34 13.11
CA ASN F 18 0.67 12.92 11.81
C ASN F 18 -0.56 13.71 11.38
N ARG F 19 -0.48 15.04 11.43
CA ARG F 19 -1.60 15.91 11.10
C ARG F 19 -2.00 15.82 9.61
N ARG F 20 -1.09 15.63 8.66
CA ARG F 20 -1.47 15.58 7.25
C ARG F 20 -2.10 14.23 6.88
N SER F 21 -1.67 13.15 7.52
CA SER F 21 -2.20 11.83 7.24
C SER F 21 -2.49 11.14 8.57
N PRO F 22 -3.63 11.48 9.21
CA PRO F 22 -3.78 11.26 10.65
C PRO F 22 -3.99 9.84 11.14
N THR F 23 -4.09 8.82 10.26
CA THR F 23 -4.13 7.43 10.70
C THR F 23 -2.73 6.82 10.81
N LEU F 24 -1.69 7.52 10.34
CA LEU F 24 -0.35 6.96 10.32
C LEU F 24 0.15 6.75 11.76
N GLY F 25 0.39 5.48 12.07
CA GLY F 25 0.78 5.01 13.38
C GLY F 25 -0.39 4.77 14.34
N ALA F 26 -1.59 5.08 13.90
CA ALA F 26 -2.79 4.80 14.69
C ALA F 26 -3.09 3.29 14.68
N SER F 27 -3.86 2.85 15.69
CA SER F 27 -4.23 1.46 15.86
C SER F 27 -5.33 1.04 14.87
N ASN F 28 -5.42 -0.30 14.63
CA ASN F 28 -6.47 -0.91 13.81
C ASN F 28 -6.44 -0.38 12.38
N ARG F 29 -5.25 -0.38 11.78
CA ARG F 29 -4.99 0.01 10.41
C ARG F 29 -4.00 -0.99 9.82
N ALA F 30 -3.98 -1.10 8.49
CA ALA F 30 -3.12 -2.07 7.81
C ALA F 30 -1.65 -1.69 7.98
N PHE F 31 -0.79 -2.69 8.12
CA PHE F 31 0.65 -2.50 8.03
C PHE F 31 0.99 -1.78 6.72
N VAL F 32 2.10 -1.06 6.69
CA VAL F 32 2.66 -0.60 5.43
C VAL F 32 3.50 -1.76 4.88
N ARG F 33 3.63 -1.86 3.56
CA ARG F 33 4.48 -2.87 2.93
C ARG F 33 5.74 -2.18 2.41
N TRP F 34 6.93 -2.74 2.68
CA TRP F 34 8.16 -2.22 2.12
C TRP F 34 8.49 -2.89 0.80
N LEU F 35 7.85 -4.03 0.51
CA LEU F 35 7.98 -4.74 -0.74
C LEU F 35 6.61 -5.23 -1.15
N PRO F 36 6.34 -5.40 -2.44
CA PRO F 36 5.10 -6.06 -2.87
C PRO F 36 4.95 -7.48 -2.34
N ALA F 37 3.71 -7.88 -2.02
CA ALA F 37 3.43 -9.14 -1.37
C ALA F 37 3.60 -10.28 -2.37
N GLU F 38 3.91 -11.46 -1.82
CA GLU F 38 4.11 -12.68 -2.62
C GLU F 38 3.21 -13.81 -2.08
N TYR F 39 2.14 -14.09 -2.82
CA TYR F 39 1.14 -15.08 -2.54
C TYR F 39 1.08 -16.04 -3.74
N GLU F 40 0.67 -17.28 -3.46
CA GLU F 40 0.59 -18.35 -4.45
C GLU F 40 -0.32 -17.95 -5.59
N ASP F 41 -1.38 -17.18 -5.34
CA ASP F 41 -2.33 -16.81 -6.37
C ASP F 41 -2.18 -15.31 -6.72
N GLY F 42 -1.15 -14.65 -6.24
CA GLY F 42 -0.94 -13.26 -6.57
C GLY F 42 -1.45 -12.33 -5.47
N PHE F 43 -2.60 -12.64 -4.84
CA PHE F 43 -3.32 -11.67 -4.02
C PHE F 43 -3.83 -12.18 -2.65
N SER F 44 -3.82 -13.48 -2.32
CA SER F 44 -4.43 -13.88 -1.04
C SER F 44 -3.89 -15.19 -0.43
N LEU F 45 -3.62 -16.22 -1.22
CA LEU F 45 -3.27 -17.53 -0.71
C LEU F 45 -1.77 -17.63 -0.42
N PRO F 46 -1.40 -18.19 0.75
CA PRO F 46 -0.02 -18.31 1.15
C PRO F 46 0.66 -19.41 0.36
N TYR F 47 1.96 -19.23 0.09
CA TYR F 47 2.80 -20.34 -0.33
C TYR F 47 2.63 -21.47 0.67
N GLY F 48 2.42 -22.68 0.15
CA GLY F 48 2.18 -23.82 1.00
C GLY F 48 0.70 -24.19 1.01
N TRP F 49 -0.20 -23.34 0.54
CA TRP F 49 -1.63 -23.64 0.55
C TRP F 49 -1.99 -24.84 -0.32
N THR F 50 -1.65 -24.78 -1.61
CA THR F 50 -2.15 -25.77 -2.54
C THR F 50 -1.07 -26.82 -2.73
N PRO F 51 -1.35 -28.12 -2.46
CA PRO F 51 -0.30 -29.12 -2.62
C PRO F 51 0.24 -29.17 -4.07
N GLY F 52 1.58 -29.26 -4.23
CA GLY F 52 2.19 -29.37 -5.56
C GLY F 52 2.58 -28.00 -6.16
N VAL F 53 2.03 -26.90 -5.65
CA VAL F 53 2.31 -25.60 -6.21
C VAL F 53 3.64 -25.09 -5.65
N LYS F 54 4.58 -24.84 -6.54
CA LYS F 54 5.92 -24.43 -6.23
C LYS F 54 5.97 -22.91 -6.03
N ARG F 55 7.06 -22.47 -5.37
CA ARG F 55 7.40 -21.06 -5.26
C ARG F 55 8.63 -20.81 -6.12
N ASN F 56 8.47 -20.01 -7.19
CA ASN F 56 9.62 -19.53 -7.93
C ASN F 56 10.46 -20.71 -8.40
N GLY F 57 9.84 -21.81 -8.81
CA GLY F 57 10.55 -22.93 -9.41
C GLY F 57 10.87 -24.07 -8.42
N PHE F 58 10.62 -23.92 -7.11
CA PHE F 58 11.04 -24.94 -6.17
C PHE F 58 9.89 -25.34 -5.25
N PRO F 59 9.86 -26.59 -4.77
CA PRO F 59 8.86 -26.99 -3.80
C PRO F 59 8.91 -26.08 -2.58
N VAL F 60 7.73 -25.82 -1.99
CA VAL F 60 7.68 -25.15 -0.71
C VAL F 60 8.08 -26.13 0.38
N ALA F 61 8.92 -25.70 1.33
CA ALA F 61 9.33 -26.56 2.43
C ALA F 61 8.38 -26.43 3.61
N LEU F 62 7.95 -27.56 4.19
CA LEU F 62 7.16 -27.51 5.42
C LEU F 62 7.91 -26.71 6.46
N ALA F 63 7.24 -25.74 7.06
CA ALA F 63 7.84 -24.93 8.12
C ALA F 63 8.37 -25.81 9.25
N ARG F 64 7.61 -26.86 9.62
CA ARG F 64 8.04 -27.78 10.63
C ARG F 64 9.29 -28.54 10.18
N ALA F 65 9.41 -28.86 8.88
CA ALA F 65 10.59 -29.57 8.40
C ALA F 65 11.82 -28.69 8.56
N VAL F 66 11.69 -27.40 8.20
CA VAL F 66 12.79 -26.46 8.25
C VAL F 66 13.23 -26.42 9.72
N SER F 67 12.23 -26.30 10.62
CA SER F 67 12.46 -26.17 12.03
C SER F 67 13.21 -27.41 12.55
N ASN F 68 12.78 -28.62 12.15
CA ASN F 68 13.42 -29.84 12.57
C ASN F 68 14.89 -29.91 12.14
N GLU F 69 15.17 -29.55 10.88
CA GLU F 69 16.47 -29.80 10.30
C GLU F 69 17.48 -28.67 10.55
N ILE F 70 17.00 -27.46 10.84
CA ILE F 70 17.85 -26.29 10.92
C ILE F 70 17.84 -25.69 12.35
N VAL F 71 16.65 -25.65 13.00
CA VAL F 71 16.48 -24.90 14.24
C VAL F 71 16.79 -25.77 15.46
N ARG F 72 16.39 -27.03 15.40
CA ARG F 72 16.56 -27.91 16.52
C ARG F 72 18.03 -28.05 16.93
N PHE F 73 18.26 -28.11 18.24
CA PHE F 73 19.56 -28.49 18.76
C PHE F 73 19.34 -29.13 20.14
N PRO F 74 20.30 -29.94 20.60
CA PRO F 74 20.19 -30.55 21.93
C PRO F 74 20.42 -29.51 23.02
N THR F 75 19.50 -29.38 23.98
CA THR F 75 19.41 -28.15 24.78
C THR F 75 20.55 -28.07 25.79
N ASP F 76 21.18 -29.19 26.06
CA ASP F 76 22.33 -29.22 26.94
C ASP F 76 23.56 -28.50 26.34
N GLN F 77 23.56 -28.22 25.02
CA GLN F 77 24.65 -27.56 24.32
C GLN F 77 24.56 -26.04 24.46
N LEU F 78 23.44 -25.56 24.97
CA LEU F 78 23.09 -24.17 24.94
C LEU F 78 24.28 -23.29 25.40
N THR F 79 24.45 -22.18 24.72
CA THR F 79 25.54 -21.29 25.06
C THR F 79 24.98 -20.06 25.78
N PRO F 80 25.31 -19.79 27.05
CA PRO F 80 25.02 -18.50 27.64
C PRO F 80 25.72 -17.34 26.91
N ASP F 81 25.03 -16.22 26.76
CA ASP F 81 25.67 -15.03 26.21
C ASP F 81 26.41 -14.30 27.33
N GLN F 82 27.73 -14.21 27.26
CA GLN F 82 28.48 -13.55 28.33
C GLN F 82 28.21 -12.05 28.40
N GLU F 83 27.68 -11.43 27.33
CA GLU F 83 27.60 -9.97 27.26
C GLU F 83 26.16 -9.47 27.22
N ARG F 84 25.18 -10.36 27.46
CA ARG F 84 23.77 -9.96 27.52
C ARG F 84 23.03 -10.67 28.65
N SER F 85 22.19 -9.90 29.38
CA SER F 85 21.33 -10.45 30.45
C SER F 85 20.05 -11.01 29.83
N LEU F 86 19.31 -11.80 30.60
CA LEU F 86 18.02 -12.24 30.11
C LEU F 86 17.03 -11.07 30.00
N MET F 87 17.28 -10.00 30.75
CA MET F 87 16.49 -8.78 30.68
C MET F 87 16.60 -8.13 29.31
N PHE F 88 17.72 -8.40 28.59
CA PHE F 88 17.84 -8.03 27.18
C PHE F 88 16.77 -8.69 26.32
N MET F 89 16.55 -9.97 26.53
CA MET F 89 15.49 -10.68 25.84
C MET F 89 14.15 -10.08 26.24
N GLN F 90 13.96 -9.88 27.55
CA GLN F 90 12.65 -9.52 28.05
C GLN F 90 12.21 -8.13 27.59
N TRP F 91 13.13 -7.17 27.53
CA TRP F 91 12.77 -5.82 27.12
C TRP F 91 12.33 -5.80 25.66
N GLY F 92 12.96 -6.69 24.87
CA GLY F 92 12.62 -6.92 23.47
C GLY F 92 11.14 -7.31 23.27
N GLN F 93 10.70 -8.30 24.05
CA GLN F 93 9.33 -8.76 23.96
C GLN F 93 8.39 -7.65 24.43
N LEU F 94 8.69 -7.05 25.59
CA LEU F 94 7.89 -5.94 26.10
C LEU F 94 7.80 -4.79 25.08
N LEU F 95 8.90 -4.51 24.36
CA LEU F 95 8.92 -3.43 23.39
C LEU F 95 8.09 -3.83 22.17
N ASP F 96 8.27 -5.09 21.72
CA ASP F 96 7.48 -5.62 20.64
C ASP F 96 6.00 -5.33 20.88
N HIS F 97 5.57 -5.44 22.12
CA HIS F 97 4.15 -5.39 22.48
C HIS F 97 3.67 -3.94 22.63
N ASP F 98 4.61 -2.96 22.61
CA ASP F 98 4.30 -1.54 22.34
C ASP F 98 4.12 -1.25 20.83
N LEU F 99 4.70 -2.05 19.95
CA LEU F 99 4.76 -1.75 18.52
C LEU F 99 3.67 -2.45 17.67
N ASP F 100 3.49 -3.76 17.81
CA ASP F 100 2.65 -4.49 16.90
C ASP F 100 1.98 -5.68 17.63
N PHE F 101 0.69 -5.82 17.31
CA PHE F 101 -0.10 -7.01 17.56
C PHE F 101 -0.96 -7.24 16.32
N THR F 102 -0.83 -8.44 15.75
CA THR F 102 -1.51 -8.80 14.53
C THR F 102 -2.71 -9.67 14.90
N PRO F 103 -3.96 -9.19 14.85
CA PRO F 103 -5.08 -10.05 15.18
C PRO F 103 -5.28 -11.23 14.23
N GLU F 104 -5.90 -12.26 14.79
CA GLU F 104 -6.32 -13.45 14.07
C GLU F 104 -7.73 -13.73 14.58
N PRO F 105 -8.56 -14.49 13.84
CA PRO F 105 -9.89 -14.82 14.33
C PRO F 105 -9.88 -15.78 15.52
N ALA F 106 -10.87 -15.68 16.41
CA ALA F 106 -10.97 -16.58 17.56
C ALA F 106 -11.64 -17.90 17.14
N ALA F 107 -11.45 -18.93 17.99
CA ALA F 107 -12.21 -20.18 18.07
C ALA F 107 -12.85 -20.56 16.72
#